data_4RBP
#
_entry.id   4RBP
#
_cell.length_a   45.300
_cell.length_b   130.880
_cell.length_c   170.100
_cell.angle_alpha   90.00
_cell.angle_beta   90.00
_cell.angle_gamma   90.00
#
_symmetry.space_group_name_H-M   'P 21 21 21'
#
loop_
_entity.id
_entity.type
_entity.pdbx_description
1 polymer 'Fab 2G12 light chain'
2 polymer 'Fab 2G12 heavy chain'
3 branched 'alpha-D-mannopyranose-(1-2)-alpha-D-mannopyranose-(1-2)-alpha-D-mannopyranose-(1-3)-[alpha-D-mannopyranose-(1-6)]alpha-D-mannopyranose-(1-5)-3-deoxy-alpha-D-manno-oct-2-ulopyranosonic acid'
4 non-polymer GLYCEROL
5 water water
#
loop_
_entity_poly.entity_id
_entity_poly.type
_entity_poly.pdbx_seq_one_letter_code
_entity_poly.pdbx_strand_id
1 'polypeptide(L)'
;AVVMTQSPSTLSASVGDTITITCRASQSIETWLAWYQQKPGKAPKLLIYKASTLKTGVPSRFSGSGSGTEFTLTISGLQF
DDFATYHCQHYAGYSATFGQGTRVEIKRTVAAPSVFIFPPSDEQLKSGTASVVCLLNNFYPREAKVQWKVDNALQSGNSQ
ESVTEQDSKDSTYSLSSTLTLSKADYEKHKVYACEVTHQGLSSPVTKSFNRGE
;
L,K
2 'polypeptide(L)'
;EVQLVESGGGLVKAGGSLILSCGVSNFRISAHTMNWVRRVPGGGLEWVASISTSSTYRDYADAVKGRFTVSRDDLEDFVY
LQMHKMRVEDTAIYYCARKGSDRLSDNDPFDAWGPGTVVTVSPASTKGPSVFPLAPSSKSTSGGTAALGCLVKDYFPEPV
TVSWNSGALTSGVHTFPAVLQSSGLYSLSSVVTVPSSSLGTQTYICNVNHKPSNTKVDKKVEPK
;
H,M
#
# COMPACT_ATOMS: atom_id res chain seq x y z
N ALA A 1 -29.55 8.79 17.44
CA ALA A 1 -28.44 7.84 17.50
C ALA A 1 -28.86 6.48 18.09
N VAL A 2 -29.65 5.73 17.32
CA VAL A 2 -30.35 4.54 17.82
C VAL A 2 -29.53 3.25 17.84
N VAL A 3 -29.61 2.51 18.95
CA VAL A 3 -28.94 1.22 19.06
C VAL A 3 -29.87 0.09 18.61
N MET A 4 -29.39 -0.73 17.67
CA MET A 4 -30.18 -1.85 17.15
C MET A 4 -29.59 -3.15 17.61
N THR A 5 -30.40 -4.01 18.22
CA THR A 5 -29.89 -5.24 18.80
C THR A 5 -30.62 -6.43 18.17
N GLN A 6 -29.87 -7.24 17.43
CA GLN A 6 -30.46 -8.44 16.83
C GLN A 6 -30.40 -9.61 17.79
N SER A 7 -31.21 -10.62 17.52
CA SER A 7 -31.22 -11.80 18.37
C SER A 7 -31.83 -12.95 17.60
N PRO A 8 -31.13 -14.10 17.57
CA PRO A 8 -29.81 -14.24 18.19
C PRO A 8 -28.70 -13.79 17.24
N SER A 9 -27.45 -13.83 17.70
CA SER A 9 -26.32 -13.47 16.86
C SER A 9 -26.03 -14.60 15.88
N THR A 10 -26.18 -15.84 16.37
CA THR A 10 -26.10 -17.03 15.55
C THR A 10 -27.37 -17.86 15.77
N LEU A 11 -28.00 -18.26 14.68
CA LEU A 11 -29.25 -18.99 14.73
C LEU A 11 -29.04 -20.32 14.03
N SER A 12 -29.08 -21.40 14.81
CA SER A 12 -28.82 -22.72 14.28
C SER A 12 -30.13 -23.42 13.95
N ALA A 13 -30.25 -23.90 12.71
CA ALA A 13 -31.50 -24.44 12.20
C ALA A 13 -31.23 -25.50 11.14
N SER A 14 -32.28 -26.21 10.74
CA SER A 14 -32.18 -27.23 9.71
C SER A 14 -33.01 -26.81 8.50
N VAL A 15 -32.71 -27.37 7.33
CA VAL A 15 -33.52 -27.12 6.14
C VAL A 15 -34.98 -27.50 6.40
N GLY A 16 -35.91 -26.63 6.03
CA GLY A 16 -37.32 -26.90 6.25
C GLY A 16 -37.84 -26.28 7.54
N ASP A 17 -36.94 -25.87 8.43
CA ASP A 17 -37.35 -25.19 9.65
C ASP A 17 -38.07 -23.87 9.31
N THR A 18 -38.83 -23.39 10.28
CA THR A 18 -39.39 -22.05 10.25
C THR A 18 -38.71 -21.32 11.40
N ILE A 19 -38.01 -20.24 11.07
CA ILE A 19 -37.16 -19.55 12.05
C ILE A 19 -37.49 -18.05 12.13
N THR A 20 -37.13 -17.43 13.25
CA THR A 20 -37.46 -16.03 13.49
C THR A 20 -36.29 -15.25 14.09
N ILE A 21 -35.80 -14.26 13.34
CA ILE A 21 -34.78 -13.35 13.83
C ILE A 21 -35.45 -12.11 14.39
N THR A 22 -35.03 -11.69 15.57
CA THR A 22 -35.59 -10.48 16.20
C THR A 22 -34.63 -9.29 16.11
N CYS A 23 -35.20 -8.11 15.93
CA CYS A 23 -34.42 -6.88 15.96
C CYS A 23 -35.12 -5.91 16.91
N ARG A 24 -34.39 -5.42 17.91
CA ARG A 24 -34.94 -4.44 18.85
C ARG A 24 -34.23 -3.09 18.71
N ALA A 25 -35.02 -2.03 18.67
CA ALA A 25 -34.47 -0.67 18.66
C ALA A 25 -34.56 -0.09 20.06
N SER A 26 -33.54 0.69 20.42
CA SER A 26 -33.43 1.25 21.76
C SER A 26 -34.48 2.35 21.97
N GLN A 27 -35.08 2.80 20.88
CA GLN A 27 -36.24 3.70 20.94
C GLN A 27 -37.10 3.55 19.68
N SER A 28 -38.34 4.04 19.74
CA SER A 28 -39.26 3.84 18.63
C SER A 28 -38.76 4.44 17.33
N ILE A 29 -38.83 3.64 16.27
CA ILE A 29 -38.44 4.05 14.92
C ILE A 29 -39.62 3.80 13.97
N GLU A 30 -40.83 3.84 14.52
CA GLU A 30 -42.03 3.59 13.73
C GLU A 30 -41.86 2.34 12.89
N THR A 31 -41.92 2.44 11.56
CA THR A 31 -41.61 1.27 10.73
C THR A 31 -40.42 1.50 9.80
N TRP A 32 -39.50 2.35 10.20
CA TRP A 32 -38.37 2.66 9.32
C TRP A 32 -37.28 1.61 9.46
N LEU A 33 -37.59 0.39 9.00
CA LEU A 33 -36.74 -0.78 9.24
C LEU A 33 -36.64 -1.64 7.99
N ALA A 34 -35.42 -2.03 7.64
CA ALA A 34 -35.18 -2.86 6.47
C ALA A 34 -34.36 -4.07 6.88
N TRP A 35 -34.49 -5.15 6.13
CA TRP A 35 -33.74 -6.37 6.39
C TRP A 35 -32.92 -6.71 5.14
N TYR A 36 -31.68 -7.11 5.33
CA TYR A 36 -30.78 -7.40 4.20
C TYR A 36 -30.21 -8.79 4.39
N GLN A 37 -30.05 -9.52 3.29
CA GLN A 37 -29.35 -10.79 3.33
C GLN A 37 -27.94 -10.60 2.78
N GLN A 38 -26.95 -11.29 3.35
CA GLN A 38 -25.60 -11.17 2.80
C GLN A 38 -24.89 -12.48 2.91
N LYS A 39 -24.32 -12.91 1.80
CA LYS A 39 -23.53 -14.13 1.76
C LYS A 39 -22.05 -13.77 1.71
N PRO A 40 -21.20 -14.67 2.21
CA PRO A 40 -19.74 -14.40 2.30
C PRO A 40 -19.17 -13.86 0.99
N GLY A 41 -18.40 -12.77 1.06
CA GLY A 41 -17.71 -12.22 -0.11
C GLY A 41 -18.58 -11.40 -1.05
N LYS A 42 -19.87 -11.30 -0.74
CA LYS A 42 -20.83 -10.69 -1.64
C LYS A 42 -21.50 -9.45 -1.05
N ALA A 43 -22.24 -8.72 -1.89
CA ALA A 43 -22.90 -7.49 -1.46
C ALA A 43 -24.17 -7.80 -0.68
N PRO A 44 -24.50 -6.96 0.30
CA PRO A 44 -25.81 -7.10 0.96
C PRO A 44 -26.95 -6.99 -0.05
N LYS A 45 -28.02 -7.76 0.14
CA LYS A 45 -29.23 -7.68 -0.69
C LYS A 45 -30.41 -7.18 0.15
N LEU A 46 -31.09 -6.13 -0.33
CA LEU A 46 -32.34 -5.69 0.30
C LEU A 46 -33.42 -6.76 0.16
N LEU A 47 -33.97 -7.22 1.29
CA LEU A 47 -35.07 -8.18 1.25
C LEU A 47 -36.41 -7.52 1.56
N ILE A 48 -36.44 -6.75 2.64
CA ILE A 48 -37.68 -6.16 3.15
C ILE A 48 -37.42 -4.73 3.60
N TYR A 49 -38.40 -3.84 3.42
CA TYR A 49 -38.28 -2.46 3.90
C TYR A 49 -39.60 -2.00 4.51
N LYS A 50 -39.59 -0.84 5.16
CA LYS A 50 -40.74 -0.38 5.93
C LYS A 50 -41.31 -1.51 6.79
N ALA A 51 -40.42 -2.27 7.43
CA ALA A 51 -40.77 -3.29 8.42
C ALA A 51 -41.36 -4.58 7.82
N SER A 52 -42.23 -4.45 6.83
CA SER A 52 -42.94 -5.62 6.33
C SER A 52 -43.11 -5.73 4.80
N THR A 53 -42.62 -4.76 4.04
CA THR A 53 -42.77 -4.82 2.58
C THR A 53 -41.72 -5.67 1.85
N LEU A 54 -42.18 -6.69 1.13
CA LEU A 54 -41.28 -7.60 0.43
C LEU A 54 -40.84 -6.96 -0.88
N LYS A 55 -39.53 -6.89 -1.11
CA LYS A 55 -39.03 -6.40 -2.39
C LYS A 55 -39.37 -7.41 -3.50
N THR A 56 -39.78 -6.90 -4.67
CA THR A 56 -40.15 -7.78 -5.77
C THR A 56 -39.05 -8.81 -6.01
N GLY A 57 -39.44 -10.08 -6.16
CA GLY A 57 -38.49 -11.14 -6.44
C GLY A 57 -38.16 -11.98 -5.21
N VAL A 58 -38.41 -11.41 -4.04
CA VAL A 58 -38.12 -12.09 -2.79
C VAL A 58 -39.23 -13.09 -2.50
N PRO A 59 -38.86 -14.38 -2.32
CA PRO A 59 -39.80 -15.47 -2.09
C PRO A 59 -40.72 -15.22 -0.90
N SER A 60 -41.96 -15.66 -0.99
CA SER A 60 -42.96 -15.38 0.04
C SER A 60 -42.67 -16.08 1.37
N ARG A 61 -41.66 -16.94 1.39
CA ARG A 61 -41.26 -17.58 2.64
C ARG A 61 -40.55 -16.59 3.59
N PHE A 62 -40.01 -15.51 3.02
CA PHE A 62 -39.50 -14.40 3.83
C PHE A 62 -40.66 -13.49 4.22
N SER A 63 -40.75 -13.17 5.50
CA SER A 63 -41.83 -12.31 5.98
C SER A 63 -41.34 -11.43 7.11
N GLY A 64 -41.67 -10.15 7.06
CA GLY A 64 -41.25 -9.23 8.10
C GLY A 64 -42.44 -8.62 8.81
N SER A 65 -42.31 -8.44 10.12
CA SER A 65 -43.35 -7.79 10.91
C SER A 65 -42.74 -6.88 11.96
N GLY A 66 -43.60 -6.05 12.55
CA GLY A 66 -43.19 -5.25 13.69
C GLY A 66 -43.39 -3.76 13.50
N SER A 67 -43.16 -3.02 14.59
CA SER A 67 -43.23 -1.57 14.59
C SER A 67 -42.80 -1.04 15.95
N GLY A 68 -42.53 0.26 16.01
CA GLY A 68 -42.03 0.88 17.23
C GLY A 68 -40.63 0.40 17.58
N THR A 69 -40.55 -0.62 18.43
CA THR A 69 -39.25 -1.08 18.94
C THR A 69 -38.95 -2.54 18.66
N GLU A 70 -39.96 -3.31 18.22
CA GLU A 70 -39.70 -4.72 18.00
C GLU A 70 -40.05 -5.20 16.60
N PHE A 71 -39.09 -5.86 15.97
CA PHE A 71 -39.22 -6.31 14.60
C PHE A 71 -38.78 -7.74 14.43
N THR A 72 -39.41 -8.47 13.51
CA THR A 72 -39.02 -9.84 13.28
C THR A 72 -38.90 -10.09 11.79
N LEU A 73 -37.89 -10.90 11.45
CA LEU A 73 -37.79 -11.47 10.10
C LEU A 73 -38.05 -12.96 10.27
N THR A 74 -39.08 -13.48 9.61
CA THR A 74 -39.40 -14.89 9.67
C THR A 74 -39.16 -15.57 8.33
N ILE A 75 -38.41 -16.67 8.35
CA ILE A 75 -38.31 -17.49 7.15
C ILE A 75 -39.07 -18.81 7.37
N SER A 76 -40.13 -19.01 6.60
CA SER A 76 -40.95 -20.24 6.69
C SER A 76 -40.50 -21.27 5.65
N GLY A 77 -40.01 -22.42 6.13
CA GLY A 77 -39.51 -23.45 5.24
C GLY A 77 -38.11 -23.11 4.74
N LEU A 78 -37.21 -22.87 5.68
CA LEU A 78 -35.80 -22.57 5.40
C LEU A 78 -35.23 -23.49 4.31
N GLN A 79 -34.62 -22.89 3.30
CA GLN A 79 -33.96 -23.64 2.23
C GLN A 79 -32.44 -23.46 2.31
N PHE A 80 -31.67 -24.34 1.68
CA PHE A 80 -30.22 -24.29 1.83
C PHE A 80 -29.66 -22.93 1.44
N ASP A 81 -30.22 -22.29 0.43
CA ASP A 81 -29.68 -21.00 0.02
C ASP A 81 -29.97 -19.87 1.02
N ASP A 82 -30.84 -20.15 2.00
CA ASP A 82 -31.17 -19.14 2.99
C ASP A 82 -30.12 -19.04 4.08
N PHE A 83 -29.22 -20.02 4.14
CA PHE A 83 -28.12 -19.97 5.11
C PHE A 83 -27.18 -18.84 4.72
N ALA A 84 -27.13 -17.83 5.58
CA ALA A 84 -26.45 -16.58 5.25
C ALA A 84 -26.51 -15.70 6.48
N THR A 85 -25.98 -14.49 6.37
CA THR A 85 -26.10 -13.51 7.44
C THR A 85 -27.22 -12.51 7.10
N TYR A 86 -28.03 -12.18 8.11
CA TYR A 86 -29.13 -11.22 7.95
C TYR A 86 -28.89 -10.01 8.86
N HIS A 87 -29.05 -8.81 8.29
CA HIS A 87 -28.85 -7.57 9.03
C HIS A 87 -30.12 -6.75 9.06
N CYS A 88 -30.54 -6.30 10.22
CA CYS A 88 -31.62 -5.32 10.27
C CYS A 88 -30.98 -3.94 10.23
N GLN A 89 -31.76 -2.92 9.86
CA GLN A 89 -31.24 -1.58 9.68
C GLN A 89 -32.33 -0.55 9.98
N HIS A 90 -32.06 0.39 10.89
CA HIS A 90 -32.87 1.59 11.00
C HIS A 90 -32.38 2.58 9.96
N TYR A 91 -33.23 2.96 9.01
CA TYR A 91 -32.81 3.95 8.03
C TYR A 91 -33.56 5.25 8.19
N ALA A 92 -32.80 6.35 8.27
CA ALA A 92 -33.38 7.69 8.35
C ALA A 92 -32.90 8.46 7.14
N GLY A 93 -33.40 9.69 6.96
CA GLY A 93 -33.08 10.46 5.78
C GLY A 93 -31.59 10.61 5.48
N TYR A 94 -30.80 10.87 6.52
CA TYR A 94 -29.38 11.19 6.33
C TYR A 94 -28.45 10.36 7.18
N SER A 95 -28.93 9.22 7.68
CA SER A 95 -28.07 8.30 8.41
C SER A 95 -28.79 7.00 8.58
N ALA A 96 -28.08 5.99 9.07
CA ALA A 96 -28.63 4.65 9.29
C ALA A 96 -27.90 4.01 10.45
N THR A 97 -28.48 2.94 10.97
CA THR A 97 -27.86 2.14 12.02
C THR A 97 -28.13 0.68 11.70
N PHE A 98 -27.12 -0.17 11.82
CA PHE A 98 -27.37 -1.59 11.59
C PHE A 98 -27.36 -2.38 12.89
N GLY A 99 -28.06 -3.51 12.91
CA GLY A 99 -27.89 -4.45 14.00
C GLY A 99 -26.54 -5.13 13.86
N GLN A 100 -26.20 -6.05 14.77
CA GLN A 100 -24.91 -6.72 14.68
C GLN A 100 -24.89 -7.83 13.63
N GLY A 101 -26.05 -8.15 13.07
CA GLY A 101 -26.14 -9.24 12.13
C GLY A 101 -26.52 -10.55 12.82
N THR A 102 -27.20 -11.42 12.09
CA THR A 102 -27.49 -12.78 12.57
C THR A 102 -27.03 -13.74 11.51
N ARG A 103 -26.10 -14.63 11.87
CA ARG A 103 -25.65 -15.66 10.94
C ARG A 103 -26.55 -16.88 11.14
N VAL A 104 -27.21 -17.32 10.08
CA VAL A 104 -28.01 -18.53 10.16
C VAL A 104 -27.16 -19.68 9.65
N GLU A 105 -26.98 -20.68 10.51
CA GLU A 105 -26.12 -21.83 10.20
C GLU A 105 -26.91 -23.14 10.37
N ILE A 106 -26.31 -24.22 9.87
CA ILE A 106 -26.88 -25.55 10.01
C ILE A 106 -26.70 -26.13 11.42
N LYS A 107 -27.80 -26.58 12.00
CA LYS A 107 -27.79 -27.16 13.34
C LYS A 107 -27.05 -28.50 13.37
N ARG A 108 -26.23 -28.71 14.39
CA ARG A 108 -25.66 -30.05 14.67
C ARG A 108 -25.22 -30.19 16.13
N THR A 109 -24.77 -31.38 16.51
CA THR A 109 -24.34 -31.62 17.88
C THR A 109 -22.97 -30.99 18.16
N VAL A 110 -22.78 -30.53 19.40
CA VAL A 110 -21.50 -29.99 19.84
C VAL A 110 -20.38 -30.98 19.51
N ALA A 111 -19.26 -30.46 19.01
CA ALA A 111 -18.12 -31.31 18.65
C ALA A 111 -16.79 -30.62 19.00
N ALA A 112 -16.02 -31.24 19.89
CA ALA A 112 -14.72 -30.69 20.28
C ALA A 112 -13.72 -30.72 19.10
N PRO A 113 -12.84 -29.70 19.01
CA PRO A 113 -11.82 -29.78 17.96
C PRO A 113 -10.76 -30.85 18.25
N SER A 114 -10.13 -31.39 17.21
CA SER A 114 -8.85 -32.09 17.35
C SER A 114 -7.77 -31.05 17.08
N VAL A 115 -6.77 -30.97 17.96
CA VAL A 115 -5.76 -29.90 17.87
C VAL A 115 -4.37 -30.42 17.49
N PHE A 116 -3.74 -29.76 16.53
CA PHE A 116 -2.44 -30.18 16.02
C PHE A 116 -1.56 -28.94 15.93
N ILE A 117 -0.26 -29.13 16.22
CA ILE A 117 0.69 -28.03 16.10
C ILE A 117 1.84 -28.37 15.16
N PHE A 118 2.33 -27.36 14.44
CA PHE A 118 3.37 -27.55 13.44
C PHE A 118 4.47 -26.53 13.64
N PRO A 119 5.67 -26.99 13.98
CA PRO A 119 6.81 -26.09 14.07
C PRO A 119 7.13 -25.48 12.71
N PRO A 120 7.96 -24.45 12.64
CA PRO A 120 8.32 -23.94 11.31
C PRO A 120 9.18 -24.96 10.57
N SER A 121 9.10 -25.02 9.24
CA SER A 121 9.97 -25.92 8.46
C SER A 121 11.41 -25.41 8.48
N ASP A 122 12.37 -26.32 8.36
CA ASP A 122 13.77 -25.89 8.32
C ASP A 122 14.02 -24.95 7.16
N GLU A 123 13.39 -25.24 6.02
CA GLU A 123 13.55 -24.40 4.83
C GLU A 123 13.11 -22.94 5.08
N GLN A 124 11.94 -22.75 5.70
CA GLN A 124 11.50 -21.39 5.98
C GLN A 124 12.44 -20.71 6.96
N LEU A 125 12.78 -21.44 8.02
CA LEU A 125 13.65 -20.93 9.08
C LEU A 125 14.91 -20.37 8.45
N LYS A 126 15.50 -21.15 7.54
CA LYS A 126 16.71 -20.75 6.84
C LYS A 126 16.49 -19.43 6.10
N SER A 127 15.31 -19.27 5.51
CA SER A 127 14.96 -18.03 4.79
C SER A 127 14.74 -16.83 5.73
N GLY A 128 14.79 -17.07 7.04
CA GLY A 128 14.71 -15.99 8.03
C GLY A 128 13.37 -15.73 8.71
N THR A 129 12.42 -16.67 8.59
CA THR A 129 11.09 -16.45 9.17
C THR A 129 10.58 -17.74 9.78
N ALA A 130 9.89 -17.61 10.90
CA ALA A 130 9.33 -18.79 11.58
C ALA A 130 7.81 -18.63 11.69
N SER A 131 7.08 -19.43 10.91
CA SER A 131 5.64 -19.52 11.04
C SER A 131 5.32 -20.77 11.86
N VAL A 132 4.59 -20.62 12.96
CA VAL A 132 4.16 -21.75 13.78
C VAL A 132 2.66 -21.89 13.58
N VAL A 133 2.19 -23.09 13.25
CA VAL A 133 0.78 -23.25 12.89
C VAL A 133 0.04 -24.14 13.85
N CYS A 134 -1.11 -23.65 14.33
CA CYS A 134 -1.98 -24.41 15.23
C CYS A 134 -3.25 -24.70 14.46
N LEU A 135 -3.61 -25.98 14.36
CA LEU A 135 -4.78 -26.40 13.63
C LEU A 135 -5.89 -26.91 14.57
N LEU A 136 -7.09 -26.32 14.47
CA LEU A 136 -8.27 -26.84 15.18
C LEU A 136 -9.19 -27.48 14.15
N ASN A 137 -9.39 -28.79 14.28
CA ASN A 137 -10.07 -29.56 13.24
C ASN A 137 -11.48 -30.03 13.58
N ASN A 138 -12.42 -29.68 12.72
CA ASN A 138 -13.79 -30.19 12.76
C ASN A 138 -14.47 -30.05 14.11
N PHE A 139 -14.78 -28.82 14.48
CA PHE A 139 -15.45 -28.57 15.76
C PHE A 139 -16.80 -27.87 15.54
N TYR A 140 -17.64 -27.87 16.56
CA TYR A 140 -18.91 -27.15 16.54
C TYR A 140 -19.37 -26.89 17.97
N PRO A 141 -19.82 -25.65 18.27
CA PRO A 141 -20.03 -24.59 17.28
C PRO A 141 -18.76 -23.84 16.86
N ARG A 142 -18.93 -22.73 16.16
CA ARG A 142 -17.81 -22.04 15.55
C ARG A 142 -16.92 -21.30 16.55
N GLU A 143 -17.50 -20.88 17.68
CA GLU A 143 -16.76 -20.09 18.66
C GLU A 143 -15.67 -20.93 19.31
N ALA A 144 -14.42 -20.51 19.18
CA ALA A 144 -13.30 -21.20 19.82
C ALA A 144 -12.30 -20.14 20.19
N LYS A 145 -11.55 -20.37 21.26
CA LYS A 145 -10.50 -19.43 21.65
C LYS A 145 -9.15 -20.12 21.51
N VAL A 146 -8.21 -19.44 20.87
CA VAL A 146 -6.86 -19.98 20.70
C VAL A 146 -5.83 -18.99 21.24
N GLN A 147 -5.01 -19.44 22.19
CA GLN A 147 -3.96 -18.57 22.71
C GLN A 147 -2.60 -19.19 22.54
N TRP A 148 -1.66 -18.38 22.04
CA TRP A 148 -0.28 -18.79 21.92
C TRP A 148 0.49 -18.43 23.18
N LYS A 149 1.34 -19.34 23.62
CA LYS A 149 2.25 -19.06 24.72
C LYS A 149 3.67 -19.47 24.35
N VAL A 150 4.60 -18.55 24.53
CA VAL A 150 6.01 -18.81 24.25
C VAL A 150 6.75 -18.73 25.56
N ASP A 151 7.25 -19.87 26.04
CA ASP A 151 7.83 -19.95 27.38
C ASP A 151 6.85 -19.41 28.42
N ASN A 152 5.60 -19.83 28.29
CA ASN A 152 4.55 -19.49 29.24
C ASN A 152 4.05 -18.04 29.18
N ALA A 153 4.65 -17.24 28.31
CA ALA A 153 4.20 -15.86 28.13
C ALA A 153 3.11 -15.76 27.06
N LEU A 154 1.94 -15.27 27.44
CA LEU A 154 0.86 -15.10 26.47
C LEU A 154 1.26 -14.11 25.36
N GLN A 155 1.00 -14.49 24.11
CA GLN A 155 1.36 -13.65 22.95
C GLN A 155 0.20 -12.78 22.52
N SER A 156 0.53 -11.57 22.05
CA SER A 156 -0.46 -10.69 21.45
C SER A 156 0.18 -9.97 20.28
N GLY A 157 -0.59 -9.79 19.21
CA GLY A 157 -0.18 -8.98 18.07
C GLY A 157 0.69 -9.67 17.04
N ASN A 158 0.94 -10.97 17.20
CA ASN A 158 1.80 -11.65 16.24
C ASN A 158 1.22 -12.95 15.67
N SER A 159 -0.11 -13.06 15.66
CA SER A 159 -0.73 -14.22 15.05
C SER A 159 -1.95 -13.81 14.24
N GLN A 160 -2.31 -14.65 13.28
CA GLN A 160 -3.50 -14.41 12.46
C GLN A 160 -4.28 -15.71 12.38
N GLU A 161 -5.61 -15.62 12.41
CA GLU A 161 -6.48 -16.80 12.30
C GLU A 161 -7.27 -16.82 11.00
N SER A 162 -7.65 -18.01 10.58
CA SER A 162 -8.54 -18.18 9.43
C SER A 162 -9.51 -19.30 9.81
N VAL A 163 -10.81 -19.08 9.61
CA VAL A 163 -11.81 -20.12 9.88
C VAL A 163 -12.47 -20.53 8.56
N THR A 164 -12.74 -21.83 8.40
CA THR A 164 -13.40 -22.32 7.21
C THR A 164 -14.90 -22.07 7.33
N GLU A 165 -15.61 -22.10 6.22
CA GLU A 165 -17.07 -22.11 6.28
C GLU A 165 -17.57 -23.48 6.75
N GLN A 166 -18.83 -23.55 7.17
CA GLN A 166 -19.42 -24.79 7.67
C GLN A 166 -19.19 -25.93 6.66
N ASP A 167 -18.72 -27.08 7.14
CA ASP A 167 -18.40 -28.18 6.23
C ASP A 167 -19.66 -28.82 5.63
N SER A 168 -19.65 -28.96 4.31
CA SER A 168 -20.77 -29.49 3.55
C SER A 168 -21.21 -30.88 4.04
N LYS A 169 -20.31 -31.60 4.68
CA LYS A 169 -20.58 -33.00 5.05
C LYS A 169 -20.95 -33.16 6.53
N ASP A 170 -20.16 -32.59 7.43
CA ASP A 170 -20.45 -32.77 8.87
C ASP A 170 -20.90 -31.49 9.59
N SER A 171 -21.05 -30.41 8.84
CA SER A 171 -21.52 -29.14 9.41
C SER A 171 -20.59 -28.56 10.47
N THR A 172 -19.34 -29.05 10.50
CA THR A 172 -18.37 -28.54 11.47
C THR A 172 -17.56 -27.39 10.88
N TYR A 173 -16.79 -26.72 11.74
CA TYR A 173 -15.85 -25.70 11.29
C TYR A 173 -14.43 -26.17 11.56
N SER A 174 -13.48 -25.59 10.84
CA SER A 174 -12.07 -25.82 11.14
C SER A 174 -11.36 -24.46 11.18
N LEU A 175 -10.27 -24.39 11.93
CA LEU A 175 -9.60 -23.11 12.15
C LEU A 175 -8.09 -23.28 12.13
N SER A 176 -7.41 -22.26 11.61
CA SER A 176 -5.97 -22.26 11.57
C SER A 176 -5.47 -20.99 12.22
N SER A 177 -4.52 -21.12 13.13
CA SER A 177 -3.87 -19.95 13.70
C SER A 177 -2.38 -20.04 13.40
N THR A 178 -1.83 -18.93 12.89
CA THR A 178 -0.41 -18.85 12.59
C THR A 178 0.26 -17.77 13.43
N LEU A 179 1.25 -18.20 14.20
CA LEU A 179 2.12 -17.31 14.96
C LEU A 179 3.34 -17.05 14.09
N THR A 180 3.63 -15.78 13.82
CA THR A 180 4.79 -15.46 12.97
C THR A 180 5.87 -14.71 13.74
N LEU A 181 7.08 -15.26 13.72
CA LEU A 181 8.24 -14.62 14.36
C LEU A 181 9.44 -14.55 13.40
N SER A 182 10.31 -13.56 13.60
CA SER A 182 11.59 -13.56 12.90
C SER A 182 12.40 -14.76 13.39
N LYS A 183 13.23 -15.29 12.51
CA LYS A 183 14.19 -16.32 12.88
C LYS A 183 14.88 -15.98 14.21
N ALA A 184 15.35 -14.74 14.32
CA ALA A 184 16.07 -14.29 15.51
C ALA A 184 15.19 -14.32 16.76
N ASP A 185 13.98 -13.76 16.66
CA ASP A 185 13.03 -13.87 17.75
C ASP A 185 12.76 -15.32 18.10
N TYR A 186 12.43 -16.11 17.09
CA TYR A 186 12.06 -17.51 17.29
C TYR A 186 13.14 -18.27 18.06
N GLU A 187 14.39 -17.92 17.79
CA GLU A 187 15.52 -18.63 18.39
C GLU A 187 15.83 -18.16 19.80
N LYS A 188 15.12 -17.13 20.28
CA LYS A 188 15.28 -16.69 21.67
C LYS A 188 14.44 -17.47 22.68
N HIS A 189 13.64 -18.42 22.21
CA HIS A 189 12.72 -19.11 23.11
C HIS A 189 12.74 -20.61 22.90
N LYS A 190 12.23 -21.36 23.87
CA LYS A 190 12.27 -22.81 23.81
C LYS A 190 10.91 -23.43 23.55
N VAL A 191 9.96 -23.17 24.44
CA VAL A 191 8.66 -23.83 24.38
C VAL A 191 7.59 -23.01 23.68
N TYR A 192 7.00 -23.62 22.65
CA TYR A 192 5.94 -22.97 21.90
C TYR A 192 4.68 -23.77 22.14
N ALA A 193 3.58 -23.10 22.48
CA ALA A 193 2.34 -23.81 22.80
C ALA A 193 1.11 -23.08 22.29
N CYS A 194 0.12 -23.85 21.87
CA CYS A 194 -1.20 -23.34 21.50
CA CYS A 194 -1.17 -23.25 21.59
C CYS A 194 -2.19 -23.88 22.53
N GLU A 195 -2.99 -23.01 23.13
CA GLU A 195 -3.98 -23.45 24.11
C GLU A 195 -5.38 -23.19 23.58
N VAL A 196 -6.16 -24.26 23.46
CA VAL A 196 -7.47 -24.17 22.83
C VAL A 196 -8.58 -24.37 23.84
N THR A 197 -9.51 -23.41 23.87
CA THR A 197 -10.70 -23.50 24.70
C THR A 197 -11.94 -23.59 23.81
N HIS A 198 -12.87 -24.47 24.17
CA HIS A 198 -14.05 -24.68 23.34
C HIS A 198 -15.11 -25.35 24.17
N GLN A 199 -16.37 -25.08 23.84
CA GLN A 199 -17.51 -25.54 24.64
C GLN A 199 -17.62 -27.05 24.73
N GLY A 200 -17.10 -27.75 23.71
CA GLY A 200 -17.16 -29.21 23.68
C GLY A 200 -16.01 -29.88 24.42
N LEU A 201 -14.99 -29.11 24.76
CA LEU A 201 -13.85 -29.68 25.49
C LEU A 201 -14.11 -29.56 26.97
N SER A 202 -13.90 -30.66 27.70
CA SER A 202 -14.07 -30.68 29.14
C SER A 202 -13.21 -29.58 29.79
N SER A 203 -11.98 -29.44 29.32
CA SER A 203 -11.09 -28.34 29.72
C SER A 203 -10.17 -27.97 28.55
N PRO A 204 -9.33 -26.94 28.72
CA PRO A 204 -8.59 -26.48 27.54
C PRO A 204 -7.59 -27.54 27.09
N VAL A 205 -7.31 -27.61 25.79
CA VAL A 205 -6.28 -28.52 25.29
C VAL A 205 -5.04 -27.69 24.90
N THR A 206 -3.87 -28.09 25.39
CA THR A 206 -2.64 -27.36 25.09
C THR A 206 -1.70 -28.25 24.30
N LYS A 207 -1.32 -27.81 23.11
CA LYS A 207 -0.35 -28.57 22.33
C LYS A 207 0.95 -27.77 22.38
N SER A 208 2.08 -28.44 22.56
CA SER A 208 3.34 -27.70 22.66
C SER A 208 4.51 -28.47 22.07
N PHE A 209 5.57 -27.75 21.73
CA PHE A 209 6.84 -28.38 21.33
C PHE A 209 8.01 -27.54 21.83
N ASN A 210 9.20 -28.16 21.92
CA ASN A 210 10.43 -27.43 22.25
C ASN A 210 11.17 -27.12 20.97
N ARG A 211 11.58 -25.88 20.79
CA ARG A 211 12.36 -25.51 19.60
C ARG A 211 13.60 -26.38 19.60
N GLY A 212 13.92 -26.97 18.44
CA GLY A 212 15.06 -27.88 18.37
C GLY A 212 14.75 -29.33 18.69
N GLU A 213 13.56 -29.60 19.23
CA GLU A 213 13.03 -30.97 19.40
C GLU A 213 13.23 -31.58 20.80
N GLU B 1 -29.59 -4.19 -13.81
CA GLU B 1 -28.93 -3.13 -14.59
C GLU B 1 -28.18 -2.16 -13.69
N VAL B 2 -28.88 -1.56 -12.74
CA VAL B 2 -28.27 -0.55 -11.87
C VAL B 2 -27.07 -1.12 -11.12
N GLN B 3 -25.91 -0.49 -11.25
CA GLN B 3 -24.69 -1.02 -10.64
C GLN B 3 -23.89 0.07 -9.97
N LEU B 4 -23.10 -0.32 -8.97
CA LEU B 4 -22.08 0.54 -8.39
C LEU B 4 -20.81 -0.27 -8.33
N VAL B 5 -19.68 0.43 -8.40
CA VAL B 5 -18.41 -0.24 -8.16
C VAL B 5 -17.44 0.68 -7.43
N GLU B 6 -16.84 0.17 -6.36
CA GLU B 6 -15.86 0.92 -5.56
C GLU B 6 -14.42 0.66 -6.02
N SER B 7 -13.57 1.68 -5.92
CA SER B 7 -12.14 1.55 -6.24
C SER B 7 -11.33 2.14 -5.09
N GLY B 8 -10.09 1.69 -4.93
CA GLY B 8 -9.17 2.40 -4.05
C GLY B 8 -8.77 1.64 -2.80
N GLY B 9 -9.46 0.56 -2.51
CA GLY B 9 -9.09 -0.25 -1.36
C GLY B 9 -7.61 -0.58 -1.36
N GLY B 10 -7.07 -0.89 -0.19
CA GLY B 10 -5.66 -1.23 -0.10
C GLY B 10 -5.22 -1.46 1.32
N LEU B 11 -3.90 -1.63 1.48
CA LEU B 11 -3.29 -1.86 2.78
C LEU B 11 -2.65 -0.56 3.21
N VAL B 12 -3.01 -0.08 4.40
CA VAL B 12 -2.44 1.16 4.92
C VAL B 12 -1.93 1.00 6.37
N LYS B 13 -0.85 1.71 6.71
CA LYS B 13 -0.34 1.69 8.08
C LYS B 13 -1.12 2.63 8.98
N ALA B 14 -1.34 2.22 10.23
CA ALA B 14 -2.03 3.08 11.20
C ALA B 14 -1.56 4.52 11.08
N GLY B 15 -2.52 5.45 11.12
CA GLY B 15 -2.23 6.86 11.03
C GLY B 15 -2.19 7.36 9.60
N GLY B 16 -2.14 6.44 8.64
CA GLY B 16 -2.06 6.81 7.23
C GLY B 16 -3.38 7.24 6.64
N SER B 17 -3.38 7.49 5.33
CA SER B 17 -4.55 7.97 4.58
C SER B 17 -4.86 7.10 3.36
N LEU B 18 -6.13 7.07 2.98
CA LEU B 18 -6.57 6.28 1.86
C LEU B 18 -7.87 6.89 1.34
N ILE B 19 -7.99 7.02 0.02
CA ILE B 19 -9.20 7.59 -0.60
C ILE B 19 -9.88 6.54 -1.44
N LEU B 20 -11.19 6.40 -1.27
CA LEU B 20 -11.95 5.44 -2.06
C LEU B 20 -12.85 6.24 -2.98
N SER B 21 -13.22 5.64 -4.10
CA SER B 21 -14.16 6.27 -5.01
C SER B 21 -15.19 5.23 -5.35
N CYS B 22 -16.28 5.71 -5.93
CA CYS B 22 -17.40 4.85 -6.27
C CYS B 22 -17.95 5.40 -7.59
N GLY B 23 -18.15 4.52 -8.56
CA GLY B 23 -18.73 4.90 -9.83
C GLY B 23 -20.02 4.13 -9.98
N VAL B 24 -20.87 4.50 -10.94
CA VAL B 24 -22.14 3.81 -11.16
C VAL B 24 -22.43 3.51 -12.63
N SER B 25 -23.41 2.64 -12.87
CA SER B 25 -23.91 2.38 -14.23
C SER B 25 -25.44 2.32 -14.29
N ASN B 26 -26.02 2.88 -15.35
CA ASN B 26 -27.47 2.78 -15.58
C ASN B 26 -28.36 3.59 -14.63
N PHE B 27 -27.75 4.54 -13.91
CA PHE B 27 -28.50 5.60 -13.25
C PHE B 27 -27.57 6.77 -13.02
N ARG B 28 -28.13 7.94 -12.68
CA ARG B 28 -27.31 9.10 -12.34
C ARG B 28 -27.36 9.23 -10.83
N ILE B 29 -26.27 9.63 -10.19
CA ILE B 29 -26.32 9.79 -8.75
C ILE B 29 -27.07 11.04 -8.29
N SER B 30 -27.19 12.03 -9.16
CA SER B 30 -27.71 13.35 -8.76
C SER B 30 -28.95 13.36 -7.84
N ALA B 31 -29.93 12.50 -8.09
CA ALA B 31 -31.16 12.53 -7.27
C ALA B 31 -31.08 11.66 -6.01
N HIS B 32 -29.93 11.03 -5.81
CA HIS B 32 -29.80 10.04 -4.73
C HIS B 32 -28.87 10.49 -3.62
N THR B 33 -29.29 10.26 -2.38
CA THR B 33 -28.42 10.34 -1.24
C THR B 33 -27.50 9.12 -1.30
N MET B 34 -26.20 9.35 -1.25
CA MET B 34 -25.24 8.25 -1.42
C MET B 34 -24.55 7.93 -0.10
N ASN B 35 -24.28 6.65 0.14
CA ASN B 35 -23.80 6.22 1.44
C ASN B 35 -22.56 5.34 1.33
N TRP B 36 -21.81 5.32 2.42
CA TRP B 36 -20.70 4.39 2.59
C TRP B 36 -21.05 3.54 3.79
N VAL B 37 -20.82 2.24 3.67
CA VAL B 37 -21.11 1.28 4.73
C VAL B 37 -19.92 0.34 4.74
N ARG B 38 -19.57 -0.20 5.90
CA ARG B 38 -18.46 -1.15 5.97
C ARG B 38 -18.84 -2.38 6.76
N ARG B 39 -18.29 -3.52 6.37
CA ARG B 39 -18.52 -4.79 7.05
C ARG B 39 -17.22 -5.15 7.75
N VAL B 40 -17.23 -5.12 9.07
CA VAL B 40 -16.02 -5.31 9.87
C VAL B 40 -15.82 -6.81 10.01
N PRO B 41 -14.60 -7.23 10.35
CA PRO B 41 -14.30 -8.67 10.33
C PRO B 41 -15.25 -9.51 11.19
N GLY B 42 -15.83 -8.93 12.24
CA GLY B 42 -16.81 -9.65 13.04
C GLY B 42 -18.03 -10.10 12.22
N GLY B 43 -18.33 -9.35 11.17
CA GLY B 43 -19.39 -9.74 10.26
C GLY B 43 -20.52 -8.73 10.15
N GLY B 44 -20.60 -7.83 11.14
CA GLY B 44 -21.65 -6.82 11.16
C GLY B 44 -21.36 -5.69 10.20
N LEU B 45 -22.40 -5.00 9.76
CA LEU B 45 -22.25 -3.79 8.93
C LEU B 45 -22.22 -2.56 9.83
N GLU B 46 -21.47 -1.55 9.44
CA GLU B 46 -21.49 -0.27 10.15
C GLU B 46 -21.72 0.83 9.13
N TRP B 47 -22.75 1.64 9.35
CA TRP B 47 -22.95 2.82 8.55
C TRP B 47 -21.78 3.78 8.82
N VAL B 48 -21.23 4.39 7.77
CA VAL B 48 -20.02 5.19 7.90
C VAL B 48 -20.26 6.65 7.57
N ALA B 49 -20.88 6.89 6.42
CA ALA B 49 -21.15 8.26 6.01
C ALA B 49 -22.27 8.37 4.99
N SER B 50 -22.88 9.55 4.92
CA SER B 50 -23.96 9.81 3.99
C SER B 50 -23.77 11.21 3.44
N ILE B 51 -24.06 11.41 2.16
CA ILE B 51 -24.04 12.75 1.58
C ILE B 51 -25.29 12.95 0.75
N SER B 52 -26.03 13.99 1.08
CA SER B 52 -27.37 14.21 0.53
C SER B 52 -27.28 14.77 -0.90
N THR B 53 -28.44 14.98 -1.53
CA THR B 53 -28.42 15.66 -2.83
C THR B 53 -27.82 17.04 -2.64
N SER B 54 -27.12 17.51 -3.67
CA SER B 54 -26.50 18.84 -3.63
C SER B 54 -25.43 19.00 -2.54
N SER B 55 -25.08 17.92 -1.85
CA SER B 55 -24.11 17.99 -0.77
C SER B 55 -24.56 18.88 0.38
N THR B 56 -25.87 19.09 0.49
CA THR B 56 -26.40 19.96 1.53
C THR B 56 -26.06 19.43 2.92
N TYR B 57 -26.16 18.11 3.08
CA TYR B 57 -25.84 17.47 4.33
C TYR B 57 -24.82 16.34 4.13
N ARG B 58 -23.81 16.33 4.97
CA ARG B 58 -22.88 15.22 5.03
C ARG B 58 -22.87 14.76 6.47
N ASP B 59 -23.13 13.48 6.68
CA ASP B 59 -23.25 12.94 8.01
C ASP B 59 -22.32 11.76 8.19
N TYR B 60 -21.75 11.65 9.39
CA TYR B 60 -20.78 10.60 9.67
C TYR B 60 -21.10 9.86 10.95
N ALA B 61 -20.68 8.59 11.00
CA ALA B 61 -20.66 7.81 12.22
C ALA B 61 -19.70 8.45 13.21
N ASP B 62 -20.05 8.44 14.49
CA ASP B 62 -19.20 9.07 15.51
C ASP B 62 -17.78 8.57 15.43
N ALA B 63 -17.65 7.27 15.20
CA ALA B 63 -16.35 6.61 15.13
C ALA B 63 -15.40 7.21 14.09
N VAL B 64 -15.95 7.85 13.06
CA VAL B 64 -15.11 8.43 12.01
C VAL B 64 -15.16 9.96 11.90
N LYS B 65 -16.01 10.62 12.69
CA LYS B 65 -16.06 12.09 12.65
C LYS B 65 -14.69 12.73 12.87
N GLY B 66 -14.37 13.76 12.08
CA GLY B 66 -13.09 14.43 12.19
C GLY B 66 -12.01 13.79 11.34
N ARG B 67 -12.21 12.54 10.96
CA ARG B 67 -11.20 11.78 10.19
C ARG B 67 -11.60 11.47 8.74
N PHE B 68 -12.90 11.29 8.47
CA PHE B 68 -13.36 10.92 7.13
C PHE B 68 -14.10 12.08 6.48
N THR B 69 -13.99 12.20 5.16
CA THR B 69 -14.78 13.18 4.41
C THR B 69 -15.42 12.46 3.23
N VAL B 70 -16.71 12.68 3.03
CA VAL B 70 -17.39 12.16 1.85
C VAL B 70 -17.62 13.32 0.88
N SER B 71 -17.49 13.07 -0.42
CA SER B 71 -17.72 14.08 -1.46
C SER B 71 -18.53 13.44 -2.57
N ARG B 72 -19.21 14.26 -3.37
CA ARG B 72 -19.94 13.71 -4.51
C ARG B 72 -19.66 14.52 -5.76
N ASP B 73 -19.67 13.85 -6.91
CA ASP B 73 -19.43 14.50 -8.18
C ASP B 73 -20.57 14.16 -9.13
N ASP B 74 -21.63 14.95 -9.09
CA ASP B 74 -22.83 14.69 -9.88
C ASP B 74 -22.60 14.67 -11.40
N LEU B 75 -21.71 15.53 -11.88
CA LEU B 75 -21.52 15.67 -13.32
C LEU B 75 -20.89 14.42 -13.95
N GLU B 76 -20.05 13.72 -13.20
CA GLU B 76 -19.43 12.49 -13.71
C GLU B 76 -19.89 11.24 -12.96
N ASP B 77 -20.82 11.42 -12.02
CA ASP B 77 -21.38 10.30 -11.28
C ASP B 77 -20.36 9.51 -10.46
N PHE B 78 -19.65 10.23 -9.59
CA PHE B 78 -18.71 9.61 -8.66
C PHE B 78 -19.01 10.08 -7.27
N VAL B 79 -18.72 9.22 -6.30
CA VAL B 79 -18.79 9.59 -4.89
C VAL B 79 -17.43 9.23 -4.32
N TYR B 80 -16.93 10.03 -3.38
CA TYR B 80 -15.61 9.76 -2.79
C TYR B 80 -15.66 9.60 -1.26
N LEU B 81 -14.74 8.80 -0.71
CA LEU B 81 -14.53 8.76 0.74
C LEU B 81 -13.06 8.94 1.08
N GLN B 82 -12.70 10.08 1.68
CA GLN B 82 -11.34 10.25 2.21
C GLN B 82 -11.24 9.72 3.62
N MET B 83 -10.22 8.92 3.89
CA MET B 83 -9.99 8.41 5.23
C MET B 83 -8.60 8.83 5.69
N HIS B 84 -8.54 9.56 6.80
CA HIS B 84 -7.26 9.97 7.40
C HIS B 84 -7.12 9.48 8.84
N LYS B 85 -5.93 9.64 9.42
CA LYS B 85 -5.68 9.20 10.79
C LYS B 85 -6.27 7.82 10.98
N MET B 86 -6.03 6.92 10.03
CA MET B 86 -6.73 5.65 10.04
C MET B 86 -6.28 4.73 11.18
N ARG B 87 -7.21 3.93 11.67
CA ARG B 87 -6.97 3.07 12.82
C ARG B 87 -7.22 1.62 12.45
N VAL B 88 -6.71 0.71 13.29
CA VAL B 88 -6.93 -0.70 13.06
C VAL B 88 -8.42 -1.03 12.88
N GLU B 89 -9.28 -0.40 13.68
CA GLU B 89 -10.70 -0.70 13.64
C GLU B 89 -11.39 -0.15 12.39
N ASP B 90 -10.65 0.55 11.53
CA ASP B 90 -11.18 0.92 10.22
C ASP B 90 -11.06 -0.22 9.21
N THR B 91 -10.33 -1.27 9.59
CA THR B 91 -10.20 -2.44 8.73
C THR B 91 -11.57 -3.05 8.46
N ALA B 92 -11.94 -3.15 7.19
CA ALA B 92 -13.27 -3.61 6.80
C ALA B 92 -13.42 -3.64 5.30
N ILE B 93 -14.51 -4.24 4.83
CA ILE B 93 -14.88 -4.12 3.43
C ILE B 93 -15.79 -2.89 3.30
N TYR B 94 -15.44 -1.96 2.42
CA TYR B 94 -16.23 -0.74 2.26
C TYR B 94 -17.14 -0.85 1.04
N TYR B 95 -18.43 -0.55 1.25
CA TYR B 95 -19.39 -0.59 0.14
C TYR B 95 -19.93 0.80 -0.09
N CYS B 96 -20.13 1.14 -1.37
CA CYS B 96 -20.89 2.32 -1.76
CA CYS B 96 -20.92 2.33 -1.66
C CYS B 96 -22.35 1.89 -1.93
N ALA B 97 -23.29 2.64 -1.37
CA ALA B 97 -24.72 2.28 -1.46
C ALA B 97 -25.57 3.53 -1.69
N ARG B 98 -26.64 3.37 -2.47
CA ARG B 98 -27.56 4.47 -2.71
C ARG B 98 -28.88 4.21 -1.98
N LYS B 99 -29.55 5.27 -1.54
CA LYS B 99 -30.93 5.18 -1.06
C LYS B 99 -31.79 5.38 -2.29
N GLY B 100 -32.70 4.46 -2.54
CA GLY B 100 -33.52 4.53 -3.74
C GLY B 100 -34.76 3.67 -3.67
N SER B 101 -35.72 3.98 -4.54
CA SER B 101 -36.94 3.21 -4.68
C SER B 101 -37.53 3.51 -6.06
N ASP B 102 -38.53 2.75 -6.49
CA ASP B 102 -39.10 3.01 -7.81
C ASP B 102 -39.59 4.45 -7.91
N ARG B 103 -40.15 4.97 -6.84
CA ARG B 103 -40.37 6.41 -6.75
C ARG B 103 -39.60 6.95 -5.54
N LEU B 104 -38.71 7.91 -5.76
CA LEU B 104 -37.92 8.40 -4.64
C LEU B 104 -38.79 9.11 -3.62
N SER B 105 -38.64 8.74 -2.35
CA SER B 105 -39.32 9.41 -1.24
C SER B 105 -38.28 10.05 -0.33
N ASP B 106 -38.73 10.76 0.69
CA ASP B 106 -37.83 11.37 1.65
C ASP B 106 -37.03 10.38 2.51
N ASN B 107 -37.38 9.10 2.45
CA ASN B 107 -36.62 8.11 3.21
C ASN B 107 -36.76 6.71 2.65
N ASP B 108 -35.83 6.33 1.76
CA ASP B 108 -35.83 5.00 1.14
C ASP B 108 -34.66 4.18 1.67
N PRO B 109 -34.79 2.84 1.62
CA PRO B 109 -33.74 1.93 2.09
C PRO B 109 -32.56 1.88 1.11
N PHE B 110 -31.51 1.11 1.44
CA PHE B 110 -30.39 0.97 0.52
C PHE B 110 -30.75 -0.09 -0.53
N ASP B 111 -31.21 0.34 -1.70
CA ASP B 111 -31.69 -0.60 -2.70
C ASP B 111 -30.63 -1.12 -3.70
N ALA B 112 -29.49 -0.42 -3.78
CA ALA B 112 -28.40 -0.86 -4.67
C ALA B 112 -27.03 -0.67 -3.99
N TRP B 113 -26.19 -1.72 -4.03
CA TRP B 113 -24.88 -1.72 -3.37
C TRP B 113 -23.77 -2.13 -4.35
N GLY B 114 -22.56 -1.60 -4.15
CA GLY B 114 -21.39 -2.09 -4.87
C GLY B 114 -20.91 -3.38 -4.23
N PRO B 115 -20.02 -4.11 -4.93
CA PRO B 115 -19.50 -5.41 -4.45
C PRO B 115 -18.60 -5.22 -3.24
N GLY B 116 -18.02 -4.03 -3.09
CA GLY B 116 -17.17 -3.73 -1.96
C GLY B 116 -15.70 -3.65 -2.32
N THR B 117 -14.92 -2.95 -1.51
CA THR B 117 -13.46 -2.88 -1.69
C THR B 117 -12.79 -3.06 -0.33
N VAL B 118 -11.75 -3.89 -0.27
CA VAL B 118 -11.15 -4.25 1.01
C VAL B 118 -10.13 -3.23 1.48
N VAL B 119 -10.34 -2.71 2.70
CA VAL B 119 -9.39 -1.78 3.32
C VAL B 119 -8.79 -2.43 4.57
N THR B 120 -7.47 -2.42 4.68
CA THR B 120 -6.77 -3.05 5.80
C THR B 120 -5.81 -2.05 6.43
N VAL B 121 -5.95 -1.83 7.74
CA VAL B 121 -5.02 -0.95 8.45
C VAL B 121 -4.13 -1.83 9.33
N SER B 122 -2.85 -1.95 8.96
CA SER B 122 -1.91 -2.69 9.80
C SER B 122 -1.60 -1.84 11.03
N PRO B 123 -1.29 -2.50 12.17
CA PRO B 123 -1.24 -1.84 13.48
C PRO B 123 -0.07 -0.90 13.72
N ALA B 124 1.11 -1.20 13.17
CA ALA B 124 2.28 -0.37 13.40
C ALA B 124 2.29 0.89 12.53
N SER B 125 2.39 2.06 13.16
CA SER B 125 2.40 3.32 12.42
C SER B 125 3.83 3.76 12.06
N THR B 126 4.82 3.05 12.62
CA THR B 126 6.23 3.28 12.29
C THR B 126 6.99 1.98 12.47
N LYS B 127 8.22 1.94 11.95
CA LYS B 127 9.11 0.80 12.13
C LYS B 127 10.55 1.29 12.05
N GLY B 128 11.33 1.01 13.10
CA GLY B 128 12.72 1.43 13.17
C GLY B 128 13.63 0.66 12.24
N PRO B 129 14.79 1.24 11.88
CA PRO B 129 15.70 0.65 10.88
C PRO B 129 16.58 -0.46 11.43
N SER B 130 16.94 -1.41 10.57
CA SER B 130 18.04 -2.34 10.86
C SER B 130 19.30 -1.72 10.27
N VAL B 131 20.39 -1.70 11.03
CA VAL B 131 21.63 -1.08 10.53
C VAL B 131 22.70 -2.14 10.34
N PHE B 132 23.35 -2.14 9.18
CA PHE B 132 24.39 -3.13 8.88
C PHE B 132 25.67 -2.42 8.42
N PRO B 133 26.84 -2.96 8.78
CA PRO B 133 28.09 -2.34 8.33
C PRO B 133 28.33 -2.57 6.84
N LEU B 134 28.87 -1.55 6.17
CA LEU B 134 29.48 -1.75 4.87
C LEU B 134 31.01 -1.76 5.07
N ALA B 135 31.56 -2.94 5.29
CA ALA B 135 32.97 -3.11 5.67
C ALA B 135 33.99 -2.86 4.54
N PRO B 136 35.08 -2.13 4.87
CA PRO B 136 36.16 -1.78 3.92
C PRO B 136 37.06 -2.95 3.55
N SER B 137 37.90 -2.76 2.52
CA SER B 137 38.75 -3.80 1.93
C SER B 137 38.61 -3.79 0.39
N SER B 142 40.67 0.47 -3.44
CA SER B 142 41.86 1.21 -3.89
C SER B 142 42.72 1.71 -2.72
N GLY B 143 43.91 1.15 -2.56
CA GLY B 143 44.84 1.57 -1.51
C GLY B 143 44.94 3.07 -1.23
N GLY B 144 45.56 3.42 -0.10
CA GLY B 144 45.59 4.81 0.33
C GLY B 144 44.22 5.28 0.77
N THR B 145 43.23 5.07 -0.10
CA THR B 145 41.84 5.49 0.15
C THR B 145 40.89 4.31 0.41
N ALA B 146 40.29 4.27 1.60
CA ALA B 146 39.31 3.24 1.90
C ALA B 146 37.91 3.83 2.00
N ALA B 147 36.90 2.99 1.79
CA ALA B 147 35.51 3.44 1.92
C ALA B 147 34.77 2.46 2.83
N LEU B 148 33.96 3.01 3.73
CA LEU B 148 33.16 2.20 4.63
C LEU B 148 31.86 2.93 4.87
N GLY B 149 30.87 2.22 5.41
CA GLY B 149 29.58 2.84 5.66
C GLY B 149 28.61 1.95 6.37
N CYS B 150 27.40 2.47 6.55
CA CYS B 150 26.31 1.74 7.17
C CYS B 150 25.16 1.69 6.19
N LEU B 151 24.52 0.53 6.13
CA LEU B 151 23.30 0.34 5.36
C LEU B 151 22.12 0.41 6.31
N VAL B 152 21.31 1.47 6.20
CA VAL B 152 20.17 1.65 7.09
C VAL B 152 18.89 1.14 6.41
N LYS B 153 18.37 0.00 6.89
CA LYS B 153 17.40 -0.77 6.10
C LYS B 153 16.03 -1.03 6.74
N ASP B 154 14.99 -0.97 5.90
CA ASP B 154 13.64 -1.39 6.32
C ASP B 154 13.08 -0.52 7.43
N TYR B 155 12.95 0.78 7.20
CA TYR B 155 12.31 1.65 8.18
C TYR B 155 11.14 2.41 7.58
N PHE B 156 10.37 3.07 8.44
CA PHE B 156 9.17 3.79 8.01
C PHE B 156 8.58 4.62 9.15
N PRO B 157 8.19 5.87 8.87
CA PRO B 157 8.34 6.60 7.61
C PRO B 157 9.70 7.28 7.58
N GLU B 158 9.92 8.16 6.61
CA GLU B 158 11.12 8.98 6.62
C GLU B 158 10.94 10.03 7.72
N PRO B 159 12.04 10.62 8.21
CA PRO B 159 13.43 10.46 7.77
C PRO B 159 14.29 9.76 8.84
N VAL B 160 15.48 9.30 8.44
CA VAL B 160 16.53 8.99 9.41
C VAL B 160 17.61 10.06 9.26
N THR B 161 18.41 10.24 10.30
CA THR B 161 19.59 11.08 10.21
C THR B 161 20.79 10.20 10.55
N VAL B 162 21.92 10.45 9.91
CA VAL B 162 23.12 9.68 10.19
C VAL B 162 24.28 10.62 10.47
N SER B 163 24.96 10.39 11.59
CA SER B 163 26.20 11.09 11.86
C SER B 163 27.29 10.04 12.00
N TRP B 164 28.55 10.47 11.97
CA TRP B 164 29.66 9.55 12.10
C TRP B 164 30.56 9.94 13.27
N ASN B 165 30.81 8.99 14.18
CA ASN B 165 31.57 9.30 15.39
C ASN B 165 30.96 10.49 16.12
N SER B 166 29.66 10.39 16.39
CA SER B 166 28.92 11.46 17.05
C SER B 166 29.14 12.84 16.42
N GLY B 167 29.59 12.87 15.17
CA GLY B 167 29.69 14.12 14.44
C GLY B 167 31.10 14.63 14.22
N ALA B 168 32.05 14.11 14.96
CA ALA B 168 33.45 14.53 14.83
C ALA B 168 33.96 14.30 13.42
N LEU B 169 33.43 13.27 12.77
CA LEU B 169 33.79 12.92 11.40
C LEU B 169 32.76 13.46 10.40
N THR B 170 33.10 14.53 9.70
CA THR B 170 32.20 15.10 8.69
C THR B 170 32.78 15.08 7.27
N SER B 171 34.11 15.11 7.15
CA SER B 171 34.75 15.13 5.84
C SER B 171 34.76 13.79 5.10
N GLY B 172 34.37 13.81 3.84
CA GLY B 172 34.30 12.60 3.05
C GLY B 172 33.00 11.82 3.26
N VAL B 173 32.10 12.38 4.07
CA VAL B 173 30.83 11.71 4.35
C VAL B 173 29.80 11.95 3.25
N HIS B 174 29.09 10.88 2.88
CA HIS B 174 27.93 10.98 2.00
C HIS B 174 26.76 10.18 2.56
N THR B 175 25.64 10.84 2.83
CA THR B 175 24.41 10.14 3.24
C THR B 175 23.44 10.24 2.07
N PHE B 176 23.03 9.09 1.54
CA PHE B 176 22.25 9.09 0.31
C PHE B 176 20.75 9.23 0.51
N PRO B 177 20.06 9.80 -0.48
CA PRO B 177 18.59 9.84 -0.46
C PRO B 177 18.08 8.41 -0.21
N ALA B 178 17.01 8.25 0.54
CA ALA B 178 16.50 6.91 0.80
C ALA B 178 15.79 6.43 -0.46
N VAL B 179 15.73 5.13 -0.64
CA VAL B 179 14.90 4.56 -1.70
C VAL B 179 13.73 3.84 -1.06
N LEU B 180 12.62 3.76 -1.79
CA LEU B 180 11.43 3.01 -1.34
C LEU B 180 11.43 1.61 -1.97
N GLN B 181 11.59 0.59 -1.14
CA GLN B 181 11.62 -0.78 -1.61
C GLN B 181 10.22 -1.25 -1.98
N SER B 182 10.15 -2.29 -2.81
CA SER B 182 8.89 -2.92 -3.21
C SER B 182 8.10 -3.39 -1.98
N SER B 183 8.78 -3.45 -0.83
CA SER B 183 8.17 -3.88 0.42
C SER B 183 7.41 -2.72 1.09
N GLY B 184 7.54 -1.52 0.53
CA GLY B 184 6.93 -0.35 1.14
C GLY B 184 7.72 0.22 2.31
N LEU B 185 8.93 -0.28 2.52
CA LEU B 185 9.83 0.27 3.54
C LEU B 185 11.04 0.93 2.88
N TYR B 186 11.65 1.88 3.60
CA TYR B 186 12.76 2.66 3.04
C TYR B 186 14.11 2.04 3.37
N SER B 187 15.12 2.43 2.60
CA SER B 187 16.48 1.96 2.83
C SER B 187 17.44 3.02 2.33
N LEU B 188 18.52 3.23 3.06
CA LEU B 188 19.53 4.18 2.62
C LEU B 188 20.89 3.73 3.08
N SER B 189 21.92 4.37 2.55
CA SER B 189 23.27 4.06 2.94
C SER B 189 23.99 5.36 3.24
N SER B 190 24.94 5.29 4.16
CA SER B 190 25.81 6.41 4.46
C SER B 190 27.21 5.85 4.36
N VAL B 191 28.08 6.56 3.65
CA VAL B 191 29.43 6.07 3.43
C VAL B 191 30.43 7.15 3.76
N VAL B 192 31.64 6.74 4.13
CA VAL B 192 32.70 7.69 4.36
C VAL B 192 34.00 7.16 3.74
N THR B 193 34.78 8.05 3.13
CA THR B 193 36.09 7.68 2.63
C THR B 193 37.17 8.14 3.61
N VAL B 194 38.11 7.23 3.90
CA VAL B 194 39.13 7.49 4.90
C VAL B 194 40.44 6.84 4.47
N PRO B 195 41.54 7.24 5.13
CA PRO B 195 42.90 6.78 4.80
C PRO B 195 42.98 5.27 4.95
N SER B 196 43.39 4.55 3.90
CA SER B 196 43.46 3.09 3.97
C SER B 196 44.27 2.66 5.18
N SER B 197 44.97 3.62 5.77
CA SER B 197 45.86 3.35 6.90
C SER B 197 45.35 3.96 8.19
N SER B 198 44.05 3.88 8.42
CA SER B 198 43.46 4.31 9.69
C SER B 198 42.50 3.23 10.18
N LEU B 199 42.22 2.27 9.29
CA LEU B 199 41.37 1.14 9.62
C LEU B 199 42.13 0.23 10.59
N GLY B 200 41.69 0.21 11.85
CA GLY B 200 42.43 -0.49 12.89
C GLY B 200 43.42 0.47 13.50
N THR B 201 42.89 1.36 14.34
CA THR B 201 43.58 2.49 14.96
C THR B 201 42.51 3.54 15.16
N GLN B 202 41.98 4.06 14.05
CA GLN B 202 40.80 4.89 14.13
C GLN B 202 39.54 4.03 14.18
N THR B 203 38.67 4.31 15.16
CA THR B 203 37.38 3.65 15.27
C THR B 203 36.35 4.40 14.42
N TYR B 204 35.48 3.64 13.76
CA TYR B 204 34.41 4.23 12.96
C TYR B 204 33.05 3.73 13.40
N ILE B 205 32.19 4.66 13.78
CA ILE B 205 30.87 4.32 14.30
C ILE B 205 29.82 5.24 13.68
N CYS B 206 28.87 4.65 12.94
CA CYS B 206 27.80 5.45 12.40
C CYS B 206 26.67 5.57 13.42
N ASN B 207 26.18 6.79 13.59
CA ASN B 207 25.11 7.05 14.54
C ASN B 207 23.80 7.33 13.79
N VAL B 208 22.89 6.38 13.84
CA VAL B 208 21.58 6.50 13.20
C VAL B 208 20.48 6.93 14.15
N ASN B 209 19.69 7.91 13.73
CA ASN B 209 18.52 8.34 14.48
C ASN B 209 17.27 8.27 13.61
N HIS B 210 16.24 7.58 14.10
CA HIS B 210 14.96 7.53 13.43
C HIS B 210 13.86 8.14 14.32
N LYS B 211 13.74 9.47 14.29
CA LYS B 211 12.83 10.19 15.19
C LYS B 211 11.40 9.62 15.29
N PRO B 212 10.79 9.30 14.12
CA PRO B 212 9.43 8.78 14.08
C PRO B 212 9.19 7.58 14.98
N SER B 213 10.22 6.79 15.26
CA SER B 213 10.09 5.62 16.12
C SER B 213 11.01 5.73 17.34
N ASN B 214 11.41 6.96 17.65
CA ASN B 214 12.30 7.23 18.77
C ASN B 214 13.45 6.21 18.86
N THR B 215 13.94 5.75 17.71
CA THR B 215 15.02 4.76 17.67
C THR B 215 16.38 5.39 17.38
N LYS B 216 17.36 5.08 18.21
CA LYS B 216 18.73 5.53 17.99
C LYS B 216 19.62 4.30 17.99
N VAL B 217 20.57 4.27 17.06
CA VAL B 217 21.41 3.09 16.87
C VAL B 217 22.84 3.46 16.53
N ASP B 218 23.79 3.03 17.37
CA ASP B 218 25.20 3.21 17.06
C ASP B 218 25.76 1.87 16.59
N LYS B 219 26.57 1.90 15.54
CA LYS B 219 27.08 0.67 14.93
C LYS B 219 28.55 0.86 14.57
N LYS B 220 29.41 0.00 15.11
CA LYS B 220 30.82 0.08 14.78
C LYS B 220 31.07 -0.60 13.44
N VAL B 221 31.75 0.06 12.55
CA VAL B 221 32.10 -0.55 11.31
C VAL B 221 33.57 -0.89 11.30
N GLU B 222 33.86 -2.18 11.31
CA GLU B 222 35.21 -2.66 11.31
C GLU B 222 35.60 -3.39 10.07
N PRO B 223 36.98 -3.41 9.90
CA PRO B 223 37.40 -4.16 8.72
C PRO B 223 37.08 -5.64 8.66
N LYS B 224 36.95 -6.05 7.42
CA LYS B 224 36.87 -7.40 6.94
C LYS B 224 35.91 -7.35 5.77
N ALA C 1 -1.08 19.47 -27.47
CA ALA C 1 -0.71 19.36 -28.88
C ALA C 1 0.31 20.43 -29.25
N VAL C 2 0.67 21.28 -28.30
CA VAL C 2 1.84 22.15 -28.46
C VAL C 2 3.00 21.47 -27.76
N VAL C 3 4.04 21.12 -28.52
CA VAL C 3 5.23 20.52 -27.91
C VAL C 3 6.22 21.60 -27.51
N MET C 4 6.62 21.60 -26.24
CA MET C 4 7.59 22.54 -25.70
C MET C 4 8.96 21.90 -25.56
N THR C 5 9.93 22.45 -26.27
CA THR C 5 11.32 21.96 -26.26
C THR C 5 12.26 22.95 -25.58
N GLN C 6 12.83 22.51 -24.47
CA GLN C 6 13.73 23.33 -23.66
C GLN C 6 15.19 22.97 -23.95
N SER C 7 16.09 23.96 -23.94
CA SER C 7 17.51 23.70 -24.23
C SER C 7 18.42 24.67 -23.44
N PRO C 8 19.54 24.16 -22.89
CA PRO C 8 20.01 22.78 -22.92
C PRO C 8 19.34 21.97 -21.84
N SER C 9 19.68 20.70 -21.73
CA SER C 9 19.10 19.87 -20.70
C SER C 9 19.81 20.12 -19.38
N THR C 10 21.12 20.39 -19.46
CA THR C 10 21.90 20.69 -18.26
C THR C 10 22.75 21.89 -18.63
N LEU C 11 22.85 22.86 -17.72
CA LEU C 11 23.65 24.05 -17.98
C LEU C 11 24.64 24.22 -16.81
N SER C 12 25.92 24.03 -17.09
CA SER C 12 26.92 24.13 -16.05
C SER C 12 27.54 25.51 -16.08
N ALA C 13 27.58 26.18 -14.94
CA ALA C 13 28.07 27.54 -14.89
C ALA C 13 28.69 27.81 -13.54
N SER C 14 29.06 29.06 -13.30
CA SER C 14 29.68 29.42 -12.03
C SER C 14 28.94 30.58 -11.38
N VAL C 15 29.04 30.69 -10.06
CA VAL C 15 28.44 31.82 -9.37
C VAL C 15 28.95 33.09 -10.05
N GLY C 16 28.07 34.06 -10.25
CA GLY C 16 28.47 35.31 -10.87
C GLY C 16 28.21 35.37 -12.36
N ASP C 17 28.02 34.20 -12.98
CA ASP C 17 27.79 34.13 -14.44
C ASP C 17 26.40 34.63 -14.85
N THR C 18 26.29 35.07 -16.10
CA THR C 18 24.99 35.30 -16.72
C THR C 18 24.68 34.13 -17.66
N ILE C 19 23.55 33.45 -17.42
CA ILE C 19 23.18 32.28 -18.22
C ILE C 19 21.83 32.43 -18.91
N THR C 20 21.62 31.66 -19.97
CA THR C 20 20.39 31.77 -20.75
C THR C 20 19.79 30.37 -20.99
N ILE C 21 18.50 30.23 -20.67
CA ILE C 21 17.81 28.98 -20.95
C ILE C 21 16.77 29.25 -22.03
N THR C 22 16.75 28.43 -23.08
CA THR C 22 15.82 28.63 -24.19
C THR C 22 14.65 27.65 -24.15
N CYS C 23 13.46 28.11 -24.55
CA CYS C 23 12.27 27.29 -24.59
C CYS C 23 11.65 27.54 -25.95
N ARG C 24 11.30 26.48 -26.67
CA ARG C 24 10.75 26.64 -28.01
C ARG C 24 9.41 25.93 -28.11
N ALA C 25 8.45 26.56 -28.77
CA ALA C 25 7.11 25.95 -28.91
C ALA C 25 6.93 25.49 -30.34
N SER C 26 6.31 24.32 -30.52
CA SER C 26 6.05 23.75 -31.84
C SER C 26 5.12 24.61 -32.69
N GLN C 27 4.38 25.52 -32.05
CA GLN C 27 3.59 26.51 -32.76
C GLN C 27 3.36 27.75 -31.91
N SER C 28 2.90 28.84 -32.52
CA SER C 28 2.81 30.11 -31.79
C SER C 28 1.90 30.02 -30.57
N ILE C 29 2.40 30.47 -29.43
CA ILE C 29 1.64 30.54 -28.19
C ILE C 29 1.63 31.98 -27.65
N GLU C 30 1.84 32.93 -28.55
CA GLU C 30 1.88 34.34 -28.19
C GLU C 30 2.82 34.54 -27.01
N THR C 31 2.31 35.06 -25.90
CA THR C 31 3.14 35.17 -24.69
C THR C 31 2.63 34.33 -23.52
N TRP C 32 1.87 33.30 -23.83
CA TRP C 32 1.37 32.40 -22.79
C TRP C 32 2.42 31.40 -22.31
N LEU C 33 3.48 31.90 -21.70
CA LEU C 33 4.59 31.04 -21.27
C LEU C 33 5.06 31.43 -19.87
N ALA C 34 5.29 30.43 -19.03
CA ALA C 34 5.69 30.67 -17.66
C ALA C 34 6.96 29.90 -17.35
N TRP C 35 7.76 30.41 -16.42
CA TRP C 35 8.96 29.72 -15.96
C TRP C 35 8.89 29.40 -14.47
N TYR C 36 9.29 28.17 -14.09
CA TYR C 36 9.25 27.71 -12.71
C TYR C 36 10.64 27.26 -12.30
N GLN C 37 10.95 27.42 -11.01
CA GLN C 37 12.20 26.89 -10.44
C GLN C 37 11.79 25.78 -9.53
N GLN C 38 12.56 24.70 -9.51
CA GLN C 38 12.27 23.62 -8.59
C GLN C 38 13.56 23.05 -8.02
N LYS C 39 13.63 22.95 -6.70
CA LYS C 39 14.76 22.30 -6.04
C LYS C 39 14.37 20.90 -5.64
N PRO C 40 15.36 20.00 -5.50
CA PRO C 40 15.11 18.59 -5.16
C PRO C 40 14.16 18.40 -3.97
N GLY C 41 13.10 17.63 -4.18
CA GLY C 41 12.16 17.31 -3.12
C GLY C 41 11.27 18.45 -2.67
N LYS C 42 11.28 19.56 -3.42
CA LYS C 42 10.44 20.71 -3.10
C LYS C 42 9.42 20.96 -4.20
N ALA C 43 8.41 21.80 -3.95
CA ALA C 43 7.40 22.10 -4.97
C ALA C 43 7.95 23.09 -5.95
N PRO C 44 7.48 23.03 -7.20
CA PRO C 44 7.88 24.03 -8.20
C PRO C 44 7.48 25.41 -7.69
N LYS C 45 8.22 26.45 -8.08
CA LYS C 45 7.89 27.81 -7.69
C LYS C 45 7.79 28.67 -8.95
N LEU C 46 6.66 29.35 -9.11
CA LEU C 46 6.47 30.22 -10.25
C LEU C 46 7.37 31.45 -10.16
N LEU C 47 8.17 31.69 -11.20
CA LEU C 47 9.05 32.85 -11.26
C LEU C 47 8.53 33.91 -12.21
N ILE C 48 8.20 33.50 -13.44
CA ILE C 48 7.83 34.45 -14.50
C ILE C 48 6.62 33.94 -15.27
N TYR C 49 5.68 34.84 -15.59
CA TYR C 49 4.56 34.46 -16.45
C TYR C 49 4.31 35.52 -17.49
N LYS C 50 3.40 35.25 -18.43
CA LYS C 50 3.18 36.12 -19.59
C LYS C 50 4.54 36.42 -20.22
N ALA C 51 5.40 35.40 -20.21
CA ALA C 51 6.72 35.46 -20.84
C ALA C 51 7.74 36.34 -20.11
N SER C 52 7.30 37.46 -19.54
CA SER C 52 8.26 38.43 -19.03
C SER C 52 7.91 39.10 -17.69
N THR C 53 6.76 38.76 -17.12
CA THR C 53 6.39 39.35 -15.84
C THR C 53 6.91 38.55 -14.65
N LEU C 54 7.70 39.18 -13.78
CA LEU C 54 8.16 38.52 -12.55
C LEU C 54 7.07 38.52 -11.49
N LYS C 55 6.91 37.37 -10.84
CA LYS C 55 6.09 37.23 -9.65
C LYS C 55 6.69 38.08 -8.51
N THR C 56 5.84 38.56 -7.61
CA THR C 56 6.28 39.25 -6.40
C THR C 56 7.25 38.37 -5.64
N GLY C 57 8.36 38.94 -5.19
CA GLY C 57 9.32 38.19 -4.41
C GLY C 57 10.45 37.54 -5.20
N VAL C 58 10.39 37.65 -6.53
CA VAL C 58 11.41 37.06 -7.39
C VAL C 58 12.48 38.10 -7.67
N PRO C 59 13.75 37.81 -7.32
CA PRO C 59 14.81 38.80 -7.50
C PRO C 59 14.99 39.27 -8.94
N SER C 60 15.43 40.52 -9.08
CA SER C 60 15.54 41.16 -10.38
C SER C 60 16.62 40.57 -11.30
N ARG C 61 17.48 39.70 -10.77
CA ARG C 61 18.47 39.06 -11.65
C ARG C 61 17.80 38.07 -12.63
N PHE C 62 16.56 37.70 -12.35
CA PHE C 62 15.80 36.83 -13.25
C PHE C 62 15.05 37.69 -14.24
N SER C 63 15.10 37.33 -15.52
CA SER C 63 14.27 38.01 -16.53
C SER C 63 13.85 37.03 -17.63
N GLY C 64 12.79 37.38 -18.35
CA GLY C 64 12.30 36.52 -19.42
C GLY C 64 11.89 37.37 -20.59
N SER C 65 11.99 36.81 -21.79
CA SER C 65 11.61 37.53 -22.99
C SER C 65 11.15 36.51 -24.02
N GLY C 66 10.62 37.00 -25.14
CA GLY C 66 10.21 36.16 -26.24
C GLY C 66 8.71 36.21 -26.47
N SER C 67 8.29 35.81 -27.66
CA SER C 67 6.87 35.63 -28.00
C SER C 67 6.81 34.70 -29.20
N GLY C 68 5.63 34.14 -29.46
CA GLY C 68 5.48 33.25 -30.60
C GLY C 68 6.01 31.86 -30.32
N THR C 69 7.21 31.56 -30.81
CA THR C 69 7.77 30.21 -30.68
C THR C 69 9.09 30.15 -29.93
N GLU C 70 9.75 31.30 -29.76
CA GLU C 70 11.07 31.31 -29.09
C GLU C 70 11.10 32.16 -27.82
N PHE C 71 11.42 31.54 -26.70
CA PHE C 71 11.42 32.24 -25.41
C PHE C 71 12.74 32.06 -24.69
N THR C 72 13.12 33.05 -23.89
CA THR C 72 14.36 32.97 -23.15
C THR C 72 14.20 33.37 -21.69
N LEU C 73 14.76 32.54 -20.81
CA LEU C 73 14.90 32.87 -19.40
C LEU C 73 16.36 33.26 -19.18
N THR C 74 16.58 34.43 -18.59
CA THR C 74 17.94 34.87 -18.29
C THR C 74 18.13 35.02 -16.79
N ILE C 75 19.29 34.59 -16.29
CA ILE C 75 19.69 34.85 -14.93
C ILE C 75 21.01 35.60 -14.96
N SER C 76 20.98 36.88 -14.58
CA SER C 76 22.15 37.74 -14.64
C SER C 76 22.83 37.82 -13.28
N GLY C 77 23.91 37.07 -13.12
CA GLY C 77 24.62 37.08 -11.84
C GLY C 77 24.12 35.93 -11.01
N LEU C 78 24.44 34.72 -11.47
CA LEU C 78 24.05 33.49 -10.77
C LEU C 78 24.48 33.50 -9.30
N GLN C 79 23.53 33.27 -8.38
CA GLN C 79 23.86 33.05 -6.96
C GLN C 79 23.66 31.59 -6.56
N PHE C 80 24.27 31.17 -5.45
CA PHE C 80 24.20 29.77 -5.02
CA PHE C 80 24.20 29.79 -4.99
C PHE C 80 22.76 29.28 -4.93
N ASP C 81 21.87 30.16 -4.49
CA ASP C 81 20.49 29.80 -4.33
C ASP C 81 19.82 29.47 -5.67
N ASP C 82 20.47 29.84 -6.77
CA ASP C 82 19.90 29.68 -8.11
C ASP C 82 20.18 28.34 -8.77
N PHE C 83 21.09 27.55 -8.23
CA PHE C 83 21.32 26.24 -8.83
C PHE C 83 20.15 25.33 -8.52
N ALA C 84 19.48 24.87 -9.58
CA ALA C 84 18.17 24.23 -9.48
C ALA C 84 17.73 23.79 -10.86
N THR C 85 16.53 23.20 -10.94
CA THR C 85 15.96 22.89 -12.24
C THR C 85 14.99 24.00 -12.63
N TYR C 86 15.04 24.42 -13.89
CA TYR C 86 14.05 25.39 -14.39
C TYR C 86 13.16 24.72 -15.45
N HIS C 87 11.85 24.99 -15.34
CA HIS C 87 10.86 24.38 -16.22
C HIS C 87 10.12 25.48 -16.94
N CYS C 88 10.02 25.41 -18.26
CA CYS C 88 9.15 26.36 -18.95
C CYS C 88 7.80 25.67 -19.13
N GLN C 89 6.76 26.44 -19.39
CA GLN C 89 5.39 25.88 -19.43
C GLN C 89 4.52 26.74 -20.34
N HIS C 90 3.88 26.12 -21.33
CA HIS C 90 2.83 26.81 -22.06
C HIS C 90 1.58 26.57 -21.26
N TYR C 91 0.88 27.64 -20.89
CA TYR C 91 -0.40 27.46 -20.19
C TYR C 91 -1.56 27.98 -21.02
N ALA C 92 -2.57 27.14 -21.17
CA ALA C 92 -3.80 27.51 -21.87
C ALA C 92 -4.94 27.49 -20.85
N GLY C 93 -6.13 27.92 -21.26
CA GLY C 93 -7.22 28.02 -20.31
C GLY C 93 -7.50 26.74 -19.53
N TYR C 94 -7.39 25.58 -20.18
CA TYR C 94 -7.82 24.36 -19.51
C TYR C 94 -6.84 23.19 -19.69
N SER C 95 -5.61 23.51 -20.10
CA SER C 95 -4.56 22.50 -20.21
C SER C 95 -3.23 23.21 -20.20
N ALA C 96 -2.14 22.47 -20.10
CA ALA C 96 -0.81 23.07 -20.14
C ALA C 96 0.16 22.03 -20.65
N THR C 97 1.35 22.48 -21.06
CA THR C 97 2.42 21.54 -21.40
C THR C 97 3.77 22.09 -20.90
N PHE C 98 4.66 21.23 -20.47
CA PHE C 98 5.94 21.65 -19.93
C PHE C 98 7.09 21.25 -20.86
N GLY C 99 8.17 22.02 -20.85
CA GLY C 99 9.42 21.60 -21.46
C GLY C 99 10.06 20.52 -20.61
N GLN C 100 11.14 19.90 -21.11
CA GLN C 100 11.74 18.76 -20.40
C GLN C 100 12.41 19.18 -19.10
N GLY C 101 12.69 20.47 -18.96
CA GLY C 101 13.38 20.96 -17.77
C GLY C 101 14.87 21.12 -18.01
N THR C 102 15.48 22.08 -17.30
CA THR C 102 16.91 22.40 -17.45
C THR C 102 17.55 22.44 -16.07
N ARG C 103 18.50 21.55 -15.79
CA ARG C 103 19.17 21.56 -14.50
CA ARG C 103 19.16 21.57 -14.49
C ARG C 103 20.37 22.48 -14.58
N VAL C 104 20.39 23.52 -13.75
CA VAL C 104 21.52 24.45 -13.69
C VAL C 104 22.39 23.98 -12.53
N GLU C 105 23.66 23.68 -12.82
CA GLU C 105 24.55 23.10 -11.82
C GLU C 105 25.87 23.84 -11.82
N ILE C 106 26.71 23.58 -10.82
CA ILE C 106 28.03 24.20 -10.78
C ILE C 106 29.02 23.48 -11.70
N LYS C 107 29.68 24.25 -12.57
CA LYS C 107 30.67 23.67 -13.48
C LYS C 107 31.98 23.33 -12.76
N ARG C 108 32.53 22.18 -13.09
CA ARG C 108 33.89 21.82 -12.68
C ARG C 108 34.48 20.88 -13.72
N THR C 109 35.71 20.44 -13.51
CA THR C 109 36.36 19.55 -14.47
C THR C 109 35.80 18.14 -14.34
N VAL C 110 35.84 17.38 -15.43
CA VAL C 110 35.41 15.98 -15.39
C VAL C 110 36.17 15.25 -14.29
N ALA C 111 35.49 14.34 -13.61
CA ALA C 111 36.15 13.51 -12.61
C ALA C 111 35.55 12.12 -12.65
N ALA C 112 36.41 11.11 -12.85
CA ALA C 112 35.94 9.73 -12.84
C ALA C 112 35.53 9.30 -11.44
N PRO C 113 34.55 8.40 -11.35
CA PRO C 113 34.18 7.95 -10.00
C PRO C 113 35.23 7.03 -9.40
N SER C 114 35.40 7.06 -8.08
CA SER C 114 36.06 5.95 -7.40
C SER C 114 34.96 4.94 -7.13
N VAL C 115 35.22 3.66 -7.40
CA VAL C 115 34.19 2.64 -7.25
C VAL C 115 34.56 1.63 -6.16
N PHE C 116 33.57 1.27 -5.34
CA PHE C 116 33.77 0.30 -4.26
C PHE C 116 32.58 -0.66 -4.26
N ILE C 117 32.81 -1.92 -3.89
CA ILE C 117 31.71 -2.87 -3.80
C ILE C 117 31.71 -3.46 -2.41
N PHE C 118 30.52 -3.65 -1.83
CA PHE C 118 30.40 -4.20 -0.48
C PHE C 118 29.52 -5.43 -0.45
N PRO C 119 30.10 -6.59 -0.06
CA PRO C 119 29.29 -7.80 0.14
C PRO C 119 28.31 -7.58 1.28
N PRO C 120 27.23 -8.37 1.36
CA PRO C 120 26.31 -8.38 2.50
C PRO C 120 27.06 -8.67 3.80
N SER C 121 26.67 -8.03 4.91
CA SER C 121 27.22 -8.41 6.23
C SER C 121 26.67 -9.78 6.61
N ASP C 122 27.45 -10.53 7.39
CA ASP C 122 27.02 -11.88 7.80
C ASP C 122 25.71 -11.82 8.56
N GLU C 123 25.57 -10.77 9.38
CA GLU C 123 24.36 -10.54 10.16
C GLU C 123 23.11 -10.47 9.27
N GLN C 124 23.14 -9.62 8.25
CA GLN C 124 21.98 -9.52 7.38
C GLN C 124 21.69 -10.86 6.73
N LEU C 125 22.74 -11.50 6.22
CA LEU C 125 22.56 -12.79 5.55
C LEU C 125 21.81 -13.74 6.46
N LYS C 126 22.13 -13.69 7.75
CA LYS C 126 21.54 -14.61 8.72
C LYS C 126 20.03 -14.43 8.81
N SER C 127 19.56 -13.21 8.54
CA SER C 127 18.14 -12.90 8.65
C SER C 127 17.38 -13.20 7.35
N GLY C 128 18.11 -13.67 6.34
CA GLY C 128 17.48 -14.13 5.10
C GLY C 128 17.67 -13.27 3.87
N THR C 129 18.38 -12.15 4.01
CA THR C 129 18.51 -11.22 2.89
C THR C 129 19.95 -10.82 2.60
N ALA C 130 20.21 -10.46 1.35
CA ALA C 130 21.56 -10.16 0.92
C ALA C 130 21.50 -8.88 0.11
N SER C 131 21.95 -7.78 0.69
CA SER C 131 22.04 -6.54 -0.08
C SER C 131 23.50 -6.34 -0.41
N VAL C 132 23.80 -6.19 -1.70
CA VAL C 132 25.15 -5.87 -2.15
C VAL C 132 25.11 -4.41 -2.58
N VAL C 133 26.09 -3.63 -2.16
CA VAL C 133 26.06 -2.20 -2.42
C VAL C 133 27.24 -1.83 -3.28
N CYS C 134 27.00 -0.96 -4.26
CA CYS C 134 28.10 -0.45 -5.11
C CYS C 134 28.12 1.05 -4.93
N LEU C 135 29.30 1.60 -4.62
CA LEU C 135 29.44 3.03 -4.39
C LEU C 135 30.29 3.65 -5.49
N LEU C 136 29.75 4.67 -6.15
CA LEU C 136 30.52 5.51 -7.09
C LEU C 136 30.74 6.85 -6.40
N ASN C 137 31.99 7.15 -6.05
CA ASN C 137 32.27 8.30 -5.17
C ASN C 137 32.90 9.52 -5.86
N ASN C 138 32.27 10.68 -5.68
CA ASN C 138 32.84 11.97 -6.10
C ASN C 138 33.21 12.04 -7.57
N PHE C 139 32.21 11.92 -8.43
CA PHE C 139 32.38 12.01 -9.89
C PHE C 139 31.63 13.20 -10.49
N TYR C 140 32.01 13.57 -11.71
CA TYR C 140 31.36 14.66 -12.43
C TYR C 140 31.60 14.49 -13.91
N PRO C 141 30.57 14.73 -14.76
CA PRO C 141 29.22 15.24 -14.48
C PRO C 141 28.35 14.13 -13.92
N ARG C 142 27.06 14.42 -13.75
CA ARG C 142 26.15 13.58 -12.95
C ARG C 142 25.75 12.26 -13.58
N GLU C 143 25.82 12.18 -14.91
CA GLU C 143 25.38 10.97 -15.61
C GLU C 143 26.34 9.79 -15.40
N ALA C 144 25.82 8.69 -14.88
CA ALA C 144 26.65 7.52 -14.62
C ALA C 144 25.75 6.33 -14.73
N LYS C 145 26.32 5.18 -15.07
CA LYS C 145 25.50 3.98 -15.16
C LYS C 145 26.11 2.86 -14.37
N VAL C 146 25.25 2.10 -13.69
CA VAL C 146 25.67 0.93 -12.95
C VAL C 146 24.97 -0.31 -13.51
N GLN C 147 25.74 -1.35 -13.80
CA GLN C 147 25.18 -2.63 -14.23
C GLN C 147 25.66 -3.70 -13.29
N TRP C 148 24.75 -4.43 -12.69
CA TRP C 148 25.11 -5.55 -11.83
C TRP C 148 25.23 -6.84 -12.63
N LYS C 149 26.30 -7.59 -12.38
CA LYS C 149 26.50 -8.92 -12.97
C LYS C 149 26.70 -9.94 -11.86
N VAL C 150 26.02 -11.07 -11.98
CA VAL C 150 26.20 -12.18 -11.04
C VAL C 150 26.65 -13.38 -11.84
N ASP C 151 27.82 -13.92 -11.51
CA ASP C 151 28.48 -14.89 -12.36
C ASP C 151 28.35 -14.49 -13.83
N ASN C 152 28.53 -13.20 -14.09
CA ASN C 152 28.64 -12.69 -15.45
C ASN C 152 27.31 -12.64 -16.19
N ALA C 153 26.21 -12.80 -15.46
CA ALA C 153 24.89 -12.61 -16.05
C ALA C 153 24.31 -11.25 -15.64
N LEU C 154 24.07 -10.36 -16.59
CA LEU C 154 23.53 -9.03 -16.25
C LEU C 154 22.19 -9.10 -15.51
N GLN C 155 22.04 -8.28 -14.46
CA GLN C 155 20.83 -8.27 -13.63
C GLN C 155 19.86 -7.18 -14.07
N SER C 156 18.59 -7.32 -13.66
CA SER C 156 17.58 -6.27 -13.88
C SER C 156 16.38 -6.49 -12.96
N GLY C 157 15.76 -5.39 -12.55
CA GLY C 157 14.61 -5.45 -11.67
C GLY C 157 14.91 -5.71 -10.21
N ASN C 158 16.19 -5.95 -9.88
CA ASN C 158 16.55 -6.24 -8.50
C ASN C 158 17.53 -5.26 -7.85
N SER C 159 17.68 -4.07 -8.44
CA SER C 159 18.58 -3.08 -7.87
C SER C 159 17.90 -1.71 -7.86
N GLN C 160 18.22 -0.89 -6.86
CA GLN C 160 17.77 0.50 -6.82
C GLN C 160 18.98 1.38 -6.55
N GLU C 161 18.89 2.66 -6.87
CA GLU C 161 20.02 3.57 -6.62
C GLU C 161 19.55 4.97 -6.24
N SER C 162 20.44 5.73 -5.63
CA SER C 162 20.15 7.12 -5.37
C SER C 162 21.45 7.92 -5.50
N VAL C 163 21.29 9.20 -5.82
CA VAL C 163 22.42 10.06 -6.13
C VAL C 163 22.36 11.26 -5.22
N THR C 164 23.52 11.71 -4.73
CA THR C 164 23.55 12.88 -3.84
C THR C 164 23.40 14.13 -4.65
N GLU C 165 22.99 15.22 -4.00
CA GLU C 165 23.00 16.53 -4.64
C GLU C 165 24.45 17.00 -4.79
N GLN C 166 24.68 17.95 -5.68
CA GLN C 166 26.04 18.40 -5.94
C GLN C 166 26.75 18.82 -4.66
N ASP C 167 27.95 18.30 -4.45
CA ASP C 167 28.71 18.56 -3.23
C ASP C 167 29.02 20.05 -3.06
N SER C 168 28.89 20.55 -1.83
CA SER C 168 29.12 21.97 -1.53
C SER C 168 30.55 22.39 -1.77
N LYS C 169 31.48 21.46 -1.51
CA LYS C 169 32.90 21.80 -1.48
C LYS C 169 33.66 21.49 -2.77
N ASP C 170 33.42 20.32 -3.37
CA ASP C 170 34.12 19.98 -4.62
C ASP C 170 33.21 19.84 -5.84
N SER C 171 31.94 20.20 -5.68
CA SER C 171 30.95 20.18 -6.78
C SER C 171 30.78 18.84 -7.49
N THR C 172 31.10 17.73 -6.80
CA THR C 172 30.97 16.41 -7.41
C THR C 172 29.64 15.74 -7.02
N TYR C 173 29.37 14.58 -7.62
CA TYR C 173 28.20 13.78 -7.24
C TYR C 173 28.70 12.42 -6.78
N SER C 174 27.86 11.71 -6.04
CA SER C 174 28.15 10.33 -5.68
C SER C 174 26.86 9.52 -5.86
N LEU C 175 27.01 8.22 -6.07
CA LEU C 175 25.86 7.36 -6.32
C LEU C 175 26.00 6.07 -5.54
N SER C 176 24.87 5.59 -5.04
CA SER C 176 24.86 4.34 -4.29
C SER C 176 23.86 3.42 -4.98
N SER C 177 24.29 2.19 -5.28
CA SER C 177 23.38 1.21 -5.86
C SER C 177 23.31 -0.01 -4.97
N THR C 178 22.09 -0.48 -4.72
CA THR C 178 21.88 -1.69 -3.93
C THR C 178 21.22 -2.79 -4.72
N LEU C 179 21.92 -3.91 -4.86
CA LEU C 179 21.36 -5.14 -5.44
C LEU C 179 20.85 -5.99 -4.28
N THR C 180 19.59 -6.42 -4.36
CA THR C 180 19.00 -7.18 -3.26
C THR C 180 18.55 -8.56 -3.72
N LEU C 181 19.01 -9.60 -3.00
CA LEU C 181 18.65 -10.98 -3.31
C LEU C 181 18.29 -11.70 -2.02
N SER C 182 17.52 -12.79 -2.13
CA SER C 182 17.25 -13.62 -0.97
C SER C 182 18.55 -14.32 -0.65
N LYS C 183 18.70 -14.75 0.62
CA LYS C 183 19.88 -15.52 1.02
C LYS C 183 20.04 -16.74 0.12
N ALA C 184 18.92 -17.31 -0.31
CA ALA C 184 18.96 -18.53 -1.11
C ALA C 184 19.65 -18.32 -2.46
N ASP C 185 19.18 -17.32 -3.21
CA ASP C 185 19.75 -16.99 -4.50
C ASP C 185 21.21 -16.57 -4.38
N TYR C 186 21.51 -15.77 -3.36
CA TYR C 186 22.86 -15.26 -3.14
C TYR C 186 23.88 -16.39 -3.05
N GLU C 187 23.51 -17.45 -2.33
CA GLU C 187 24.39 -18.61 -2.16
C GLU C 187 24.46 -19.52 -3.39
N LYS C 188 23.58 -19.31 -4.35
CA LYS C 188 23.67 -20.04 -5.61
C LYS C 188 24.84 -19.60 -6.49
N HIS C 189 25.38 -18.42 -6.21
CA HIS C 189 26.35 -17.80 -7.12
C HIS C 189 27.64 -17.36 -6.42
N LYS C 190 28.71 -17.19 -7.21
CA LYS C 190 30.03 -16.89 -6.64
C LYS C 190 30.54 -15.47 -6.93
N VAL C 191 30.39 -15.02 -8.17
CA VAL C 191 30.99 -13.74 -8.55
C VAL C 191 29.95 -12.64 -8.66
N TYR C 192 30.12 -11.61 -7.83
CA TYR C 192 29.22 -10.47 -7.87
C TYR C 192 30.02 -9.28 -8.33
N ALA C 193 29.52 -8.59 -9.35
CA ALA C 193 30.28 -7.51 -9.92
C ALA C 193 29.38 -6.33 -10.18
N CYS C 194 29.95 -5.15 -10.00
CA CYS C 194 29.28 -3.91 -10.37
CA CYS C 194 29.26 -3.93 -10.41
C CYS C 194 30.11 -3.28 -11.47
N GLU C 195 29.49 -3.01 -12.62
CA GLU C 195 30.22 -2.41 -13.73
C GLU C 195 29.73 -1.00 -13.98
N VAL C 196 30.67 -0.04 -13.95
CA VAL C 196 30.34 1.38 -13.95
C VAL C 196 30.83 2.04 -15.24
N THR C 197 29.93 2.76 -15.89
CA THR C 197 30.22 3.50 -17.10
C THR C 197 30.08 4.99 -16.80
N HIS C 198 31.08 5.79 -17.16
CA HIS C 198 31.09 7.23 -16.84
C HIS C 198 32.10 7.96 -17.71
N GLN C 199 31.76 9.18 -18.16
CA GLN C 199 32.62 9.92 -19.08
C GLN C 199 34.04 10.16 -18.59
N GLY C 200 34.27 10.02 -17.30
CA GLY C 200 35.59 10.26 -16.75
C GLY C 200 36.49 9.06 -16.93
N LEU C 201 35.90 7.93 -17.33
CA LEU C 201 36.68 6.70 -17.52
C LEU C 201 36.95 6.47 -19.00
N SER C 202 38.12 5.88 -19.29
CA SER C 202 38.47 5.54 -20.67
C SER C 202 37.66 4.35 -21.12
N SER C 203 37.13 3.60 -20.17
CA SER C 203 36.25 2.46 -20.47
C SER C 203 35.57 2.02 -19.18
N PRO C 204 34.58 1.14 -19.30
CA PRO C 204 33.84 0.73 -18.09
C PRO C 204 34.75 0.10 -17.01
N VAL C 205 34.50 0.43 -15.74
CA VAL C 205 35.25 -0.12 -14.62
C VAL C 205 34.43 -1.24 -13.98
N THR C 206 35.08 -2.34 -13.57
CA THR C 206 34.37 -3.39 -12.84
C THR C 206 34.98 -3.61 -11.45
N LYS C 207 34.14 -3.68 -10.43
CA LYS C 207 34.61 -4.09 -9.11
C LYS C 207 33.81 -5.34 -8.78
N SER C 208 34.50 -6.37 -8.28
CA SER C 208 33.84 -7.64 -8.03
C SER C 208 34.40 -8.29 -6.78
N PHE C 209 33.67 -9.28 -6.29
CA PHE C 209 34.15 -10.14 -5.22
C PHE C 209 33.59 -11.54 -5.40
N ASN C 210 34.28 -12.53 -4.85
CA ASN C 210 33.76 -13.88 -4.88
C ASN C 210 33.14 -14.19 -3.53
N ARG C 211 31.90 -14.67 -3.55
CA ARG C 211 31.18 -14.96 -2.32
C ARG C 211 31.99 -15.95 -1.50
N GLY C 212 32.05 -15.73 -0.19
CA GLY C 212 32.79 -16.60 0.70
C GLY C 212 34.16 -16.04 1.05
N GLU C 213 34.85 -15.51 0.06
CA GLU C 213 36.15 -14.89 0.28
C GLU C 213 36.00 -13.55 1.02
N GLU D 1 -0.95 33.05 4.17
CA GLU D 1 -0.24 32.28 3.16
C GLU D 1 -1.03 31.07 2.64
N VAL D 2 -1.28 31.08 1.33
CA VAL D 2 -2.05 30.05 0.63
C VAL D 2 -1.34 28.70 0.67
N GLN D 3 -2.08 27.63 0.95
CA GLN D 3 -1.45 26.31 0.98
C GLN D 3 -2.30 25.19 0.36
N LEU D 4 -1.62 24.20 -0.22
CA LEU D 4 -2.26 23.01 -0.78
C LEU D 4 -1.57 21.78 -0.23
N VAL D 5 -2.34 20.73 0.06
CA VAL D 5 -1.74 19.48 0.56
C VAL D 5 -2.35 18.23 -0.08
N GLU D 6 -1.51 17.42 -0.72
CA GLU D 6 -1.97 16.19 -1.37
C GLU D 6 -2.05 15.09 -0.32
N SER D 7 -2.92 14.12 -0.57
CA SER D 7 -3.04 12.93 0.29
C SER D 7 -3.23 11.71 -0.59
N GLY D 8 -2.76 10.54 -0.14
CA GLY D 8 -3.05 9.32 -0.87
C GLY D 8 -1.94 8.60 -1.61
N GLY D 9 -0.79 9.24 -1.80
CA GLY D 9 0.30 8.56 -2.47
C GLY D 9 0.72 7.25 -1.81
N GLY D 10 1.40 6.38 -2.56
CA GLY D 10 1.90 5.12 -2.02
C GLY D 10 2.43 4.17 -3.08
N LEU D 11 2.60 2.91 -2.73
CA LEU D 11 3.03 1.89 -3.69
C LEU D 11 1.82 1.19 -4.31
N VAL D 12 1.80 1.09 -5.64
CA VAL D 12 0.68 0.44 -6.33
C VAL D 12 1.17 -0.62 -7.31
N LYS D 13 0.43 -1.71 -7.44
CA LYS D 13 0.78 -2.73 -8.44
C LYS D 13 0.31 -2.32 -9.84
N ALA D 14 1.10 -2.66 -10.85
CA ALA D 14 0.69 -2.37 -12.22
C ALA D 14 -0.70 -2.95 -12.47
N GLY D 15 -1.56 -2.18 -13.14
CA GLY D 15 -2.96 -2.54 -13.34
C GLY D 15 -3.85 -2.03 -12.22
N GLY D 16 -3.25 -1.68 -11.09
CA GLY D 16 -4.00 -1.27 -9.91
C GLY D 16 -4.67 0.09 -10.00
N SER D 17 -5.36 0.47 -8.92
CA SER D 17 -6.04 1.75 -8.83
C SER D 17 -5.55 2.51 -7.59
N LEU D 18 -5.49 3.84 -7.70
CA LEU D 18 -5.16 4.69 -6.55
C LEU D 18 -5.87 6.04 -6.68
N ILE D 19 -6.42 6.56 -5.60
CA ILE D 19 -7.07 7.87 -5.64
C ILE D 19 -6.35 8.87 -4.74
N LEU D 20 -6.07 10.06 -5.27
CA LEU D 20 -5.44 11.12 -4.50
C LEU D 20 -6.45 12.19 -4.16
N SER D 21 -6.25 12.91 -3.06
CA SER D 21 -7.07 14.09 -2.80
C SER D 21 -6.16 15.27 -2.58
N CYS D 22 -6.73 16.46 -2.66
CA CYS D 22 -5.98 17.69 -2.45
C CYS D 22 -6.87 18.61 -1.62
N GLY D 23 -6.35 19.09 -0.49
CA GLY D 23 -7.08 20.02 0.36
C GLY D 23 -6.32 21.33 0.44
N VAL D 24 -6.99 22.40 0.83
CA VAL D 24 -6.33 23.70 0.80
C VAL D 24 -6.47 24.46 2.11
N SER D 25 -5.67 25.51 2.27
CA SER D 25 -5.79 26.41 3.41
C SER D 25 -5.67 27.87 2.95
N ASN D 26 -6.52 28.73 3.50
CA ASN D 26 -6.41 30.18 3.30
C ASN D 26 -6.84 30.70 1.93
N PHE D 27 -7.59 29.89 1.20
CA PHE D 27 -8.35 30.36 0.05
C PHE D 27 -9.46 29.34 -0.26
N ARG D 28 -10.42 29.76 -1.08
CA ARG D 28 -11.47 28.85 -1.55
C ARG D 28 -11.18 28.47 -3.02
N ILE D 29 -11.31 27.19 -3.34
CA ILE D 29 -11.04 26.74 -4.71
C ILE D 29 -12.06 27.15 -5.78
N SER D 30 -13.25 27.58 -5.36
CA SER D 30 -14.37 27.78 -6.29
C SER D 30 -14.04 28.62 -7.54
N ALA D 31 -13.33 29.72 -7.37
CA ALA D 31 -13.02 30.58 -8.52
C ALA D 31 -11.82 30.09 -9.35
N HIS D 32 -11.18 29.00 -8.92
CA HIS D 32 -9.93 28.58 -9.56
C HIS D 32 -10.06 27.31 -10.35
N THR D 33 -9.48 27.30 -11.55
CA THR D 33 -9.25 26.03 -12.28
C THR D 33 -8.18 25.29 -11.50
N MET D 34 -8.39 24.00 -11.23
CA MET D 34 -7.43 23.23 -10.42
C MET D 34 -6.78 22.18 -11.29
N ASN D 35 -5.52 21.86 -11.01
CA ASN D 35 -4.73 21.00 -11.89
C ASN D 35 -3.96 19.95 -11.14
N TRP D 36 -3.67 18.86 -11.84
CA TRP D 36 -2.73 17.87 -11.35
C TRP D 36 -1.52 17.82 -12.31
N VAL D 37 -0.33 17.80 -11.71
CA VAL D 37 0.93 17.77 -12.44
C VAL D 37 1.82 16.77 -11.71
N ARG D 38 2.70 16.10 -12.46
CA ARG D 38 3.56 15.10 -11.85
C ARG D 38 5.01 15.29 -12.30
N ARG D 39 5.97 15.04 -11.41
CA ARG D 39 7.37 15.07 -11.81
C ARG D 39 7.85 13.62 -11.94
N VAL D 40 8.25 13.24 -13.15
CA VAL D 40 8.69 11.87 -13.40
C VAL D 40 10.16 11.68 -12.99
N PRO D 41 10.58 10.42 -12.85
CA PRO D 41 11.94 10.17 -12.35
C PRO D 41 13.02 10.98 -13.09
N GLY D 42 12.87 11.13 -14.41
CA GLY D 42 13.81 11.91 -15.21
C GLY D 42 13.91 13.40 -14.88
N GLY D 43 13.01 13.90 -14.02
CA GLY D 43 13.13 15.26 -13.53
C GLY D 43 12.19 16.25 -14.18
N GLY D 44 11.60 15.87 -15.32
CA GLY D 44 10.69 16.78 -15.99
C GLY D 44 9.31 16.80 -15.37
N LEU D 45 8.59 17.90 -15.54
CA LEU D 45 7.20 18.01 -15.08
C LEU D 45 6.26 17.58 -16.22
N GLU D 46 5.14 16.95 -15.86
CA GLU D 46 4.16 16.56 -16.87
C GLU D 46 2.78 17.00 -16.41
N TRP D 47 2.10 17.80 -17.23
CA TRP D 47 0.70 18.13 -16.94
C TRP D 47 -0.19 16.89 -17.06
N VAL D 48 -1.02 16.64 -16.05
CA VAL D 48 -1.84 15.44 -16.02
C VAL D 48 -3.31 15.70 -16.29
N ALA D 49 -3.92 16.64 -15.57
CA ALA D 49 -5.34 16.91 -15.72
C ALA D 49 -5.69 18.29 -15.21
N SER D 50 -6.78 18.85 -15.74
CA SER D 50 -7.25 20.14 -15.27
C SER D 50 -8.78 20.08 -15.16
N ILE D 51 -9.34 20.78 -14.17
CA ILE D 51 -10.79 20.88 -14.03
C ILE D 51 -11.17 22.34 -13.82
N SER D 52 -12.00 22.86 -14.72
CA SER D 52 -12.35 24.28 -14.69
C SER D 52 -13.30 24.59 -13.54
N THR D 53 -13.58 25.88 -13.35
CA THR D 53 -14.62 26.26 -12.39
C THR D 53 -15.91 25.59 -12.80
N SER D 54 -16.75 25.26 -11.82
CA SER D 54 -18.04 24.63 -12.08
C SER D 54 -17.95 23.24 -12.71
N SER D 55 -16.73 22.74 -12.86
CA SER D 55 -16.52 21.44 -13.51
C SER D 55 -17.02 21.44 -14.95
N THR D 56 -17.11 22.63 -15.55
CA THR D 56 -17.56 22.74 -16.92
C THR D 56 -16.66 21.97 -17.90
N TYR D 57 -15.35 22.05 -17.70
CA TYR D 57 -14.44 21.37 -18.61
C TYR D 57 -13.44 20.54 -17.81
N ARG D 58 -13.22 19.30 -18.25
CA ARG D 58 -12.18 18.46 -17.69
C ARG D 58 -11.29 18.05 -18.83
N ASP D 59 -9.98 18.23 -18.68
CA ASP D 59 -9.05 17.87 -19.73
C ASP D 59 -7.92 17.05 -19.15
N TYR D 60 -7.35 16.19 -19.99
CA TYR D 60 -6.37 15.20 -19.54
C TYR D 60 -5.22 15.11 -20.51
N ALA D 61 -4.02 14.86 -19.98
CA ALA D 61 -2.89 14.48 -20.83
C ALA D 61 -3.27 13.23 -21.62
N ASP D 62 -2.92 13.19 -22.90
CA ASP D 62 -3.19 11.98 -23.70
C ASP D 62 -2.74 10.69 -23.02
N ALA D 63 -1.60 10.73 -22.33
CA ALA D 63 -1.06 9.51 -21.70
C ALA D 63 -2.00 8.91 -20.67
N VAL D 64 -2.96 9.70 -20.17
CA VAL D 64 -3.82 9.23 -19.07
C VAL D 64 -5.30 9.21 -19.46
N LYS D 65 -5.60 9.76 -20.63
CA LYS D 65 -6.98 9.80 -21.13
C LYS D 65 -7.57 8.39 -21.04
N GLY D 66 -8.75 8.28 -20.42
CA GLY D 66 -9.41 6.99 -20.29
C GLY D 66 -9.08 6.25 -19.01
N ARG D 67 -8.00 6.62 -18.33
CA ARG D 67 -7.59 5.93 -17.11
C ARG D 67 -7.70 6.81 -15.86
N PHE D 68 -7.57 8.13 -16.03
CA PHE D 68 -7.67 9.05 -14.89
C PHE D 68 -8.98 9.85 -14.95
N THR D 69 -9.46 10.28 -13.78
CA THR D 69 -10.60 11.17 -13.71
C THR D 69 -10.27 12.23 -12.67
N VAL D 70 -10.58 13.49 -12.98
CA VAL D 70 -10.37 14.57 -12.01
C VAL D 70 -11.73 15.07 -11.59
N SER D 71 -11.90 15.36 -10.30
CA SER D 71 -13.17 15.85 -9.76
C SER D 71 -12.89 16.96 -8.77
N ARG D 72 -13.87 17.83 -8.54
CA ARG D 72 -13.72 18.89 -7.54
C ARG D 72 -14.89 18.96 -6.56
N ASP D 73 -14.62 19.47 -5.37
CA ASP D 73 -15.63 19.64 -4.34
C ASP D 73 -15.52 21.07 -3.83
N ASP D 74 -16.31 21.97 -4.41
CA ASP D 74 -16.18 23.40 -4.08
C ASP D 74 -16.65 23.73 -2.68
N LEU D 75 -17.59 22.94 -2.16
CA LEU D 75 -18.19 23.26 -0.86
C LEU D 75 -17.22 23.05 0.31
N GLU D 76 -16.44 21.96 0.27
CA GLU D 76 -15.44 21.71 1.30
C GLU D 76 -14.00 21.90 0.79
N ASP D 77 -13.85 22.33 -0.46
CA ASP D 77 -12.54 22.64 -1.02
C ASP D 77 -11.58 21.46 -1.13
N PHE D 78 -11.98 20.44 -1.88
CA PHE D 78 -11.10 19.31 -2.22
C PHE D 78 -11.08 19.11 -3.74
N VAL D 79 -9.98 18.58 -4.24
CA VAL D 79 -9.83 18.17 -5.63
C VAL D 79 -9.42 16.70 -5.56
N TYR D 80 -9.91 15.89 -6.49
CA TYR D 80 -9.56 14.46 -6.49
C TYR D 80 -8.93 14.04 -7.81
N LEU D 81 -8.03 13.06 -7.78
CA LEU D 81 -7.57 12.40 -9.00
C LEU D 81 -7.71 10.89 -8.84
N GLN D 82 -8.53 10.29 -9.70
CA GLN D 82 -8.65 8.84 -9.75
C GLN D 82 -7.66 8.31 -10.77
N MET D 83 -6.87 7.34 -10.38
CA MET D 83 -5.93 6.71 -11.28
C MET D 83 -6.22 5.21 -11.40
N HIS D 84 -6.57 4.75 -12.61
CA HIS D 84 -6.91 3.34 -12.84
C HIS D 84 -6.01 2.70 -13.90
N LYS D 85 -5.99 1.37 -13.94
CA LYS D 85 -5.15 0.68 -14.91
C LYS D 85 -3.75 1.28 -14.89
N MET D 86 -3.21 1.43 -13.69
CA MET D 86 -1.93 2.14 -13.53
C MET D 86 -0.74 1.44 -14.19
N ARG D 87 0.15 2.25 -14.77
CA ARG D 87 1.33 1.77 -15.48
C ARG D 87 2.62 2.24 -14.80
N VAL D 88 3.71 1.52 -15.05
CA VAL D 88 4.96 1.86 -14.42
C VAL D 88 5.32 3.33 -14.70
N GLU D 89 5.11 3.77 -15.93
CA GLU D 89 5.42 5.15 -16.30
C GLU D 89 4.45 6.15 -15.66
N ASP D 90 3.51 5.69 -14.83
CA ASP D 90 2.71 6.60 -14.01
C ASP D 90 3.49 6.98 -12.75
N THR D 91 4.59 6.26 -12.52
CA THR D 91 5.46 6.52 -11.38
C THR D 91 6.00 7.95 -11.37
N ALA D 92 5.71 8.72 -10.31
CA ALA D 92 6.09 10.13 -10.25
C ALA D 92 5.67 10.76 -8.93
N ILE D 93 6.08 12.00 -8.73
CA ILE D 93 5.54 12.77 -7.63
C ILE D 93 4.36 13.55 -8.20
N TYR D 94 3.20 13.44 -7.55
CA TYR D 94 2.00 14.14 -7.99
C TYR D 94 1.74 15.37 -7.16
N TYR D 95 1.56 16.52 -7.82
CA TYR D 95 1.26 17.78 -7.15
C TYR D 95 -0.12 18.30 -7.56
N CYS D 96 -0.86 18.86 -6.61
CA CYS D 96 -2.06 19.60 -6.98
CA CYS D 96 -2.08 19.60 -6.91
C CYS D 96 -1.68 21.07 -7.12
N ALA D 97 -2.22 21.72 -8.13
CA ALA D 97 -1.76 23.07 -8.44
C ALA D 97 -2.91 23.95 -8.84
N ARG D 98 -2.89 25.19 -8.35
CA ARG D 98 -3.94 26.16 -8.63
C ARG D 98 -3.54 27.06 -9.78
N LYS D 99 -4.45 27.28 -10.72
CA LYS D 99 -4.31 28.27 -11.79
C LYS D 99 -4.81 29.62 -11.24
N GLY D 100 -3.96 30.65 -11.26
CA GLY D 100 -4.34 31.87 -10.61
C GLY D 100 -3.31 32.98 -10.73
N SER D 101 -3.69 34.16 -10.27
CA SER D 101 -2.79 35.29 -10.24
C SER D 101 -3.41 36.31 -9.29
N ASP D 102 -2.72 37.42 -9.07
CA ASP D 102 -3.25 38.45 -8.17
C ASP D 102 -4.72 38.79 -8.50
N ARG D 103 -5.00 39.05 -9.76
CA ARG D 103 -6.40 39.13 -10.21
C ARG D 103 -6.66 38.15 -11.36
N LEU D 104 -7.65 37.29 -11.18
CA LEU D 104 -7.91 36.23 -12.17
C LEU D 104 -8.18 36.77 -13.58
N SER D 105 -7.77 35.99 -14.58
CA SER D 105 -8.08 36.29 -15.97
C SER D 105 -8.47 34.96 -16.59
N ASP D 106 -8.80 34.99 -17.88
CA ASP D 106 -9.12 33.76 -18.60
C ASP D 106 -7.93 32.81 -18.75
N ASN D 107 -6.73 33.26 -18.43
CA ASN D 107 -5.54 32.40 -18.58
C ASN D 107 -4.34 32.78 -17.71
N ASP D 108 -4.27 32.16 -16.54
CA ASP D 108 -3.21 32.46 -15.56
C ASP D 108 -2.31 31.22 -15.39
N PRO D 109 -1.08 31.43 -14.89
CA PRO D 109 -0.10 30.35 -14.66
C PRO D 109 -0.44 29.60 -13.36
N PHE D 110 0.34 28.60 -12.99
CA PHE D 110 0.07 27.87 -11.75
C PHE D 110 0.77 28.57 -10.60
N ASP D 111 0.03 29.34 -9.80
CA ASP D 111 0.68 30.23 -8.83
C ASP D 111 0.84 29.65 -7.43
N ALA D 112 0.22 28.50 -7.16
CA ALA D 112 0.40 27.83 -5.88
C ALA D 112 0.33 26.32 -6.07
N TRP D 113 1.28 25.60 -5.46
CA TRP D 113 1.38 24.15 -5.58
C TRP D 113 1.46 23.47 -4.24
N GLY D 114 1.00 22.22 -4.20
CA GLY D 114 1.15 21.40 -3.01
C GLY D 114 2.57 20.88 -2.94
N PRO D 115 2.98 20.29 -1.80
CA PRO D 115 4.35 19.77 -1.70
C PRO D 115 4.61 18.51 -2.54
N GLY D 116 3.56 17.82 -3.00
CA GLY D 116 3.73 16.63 -3.82
C GLY D 116 3.54 15.36 -3.02
N THR D 117 2.99 14.33 -3.64
CA THR D 117 2.87 13.03 -2.95
C THR D 117 3.45 11.95 -3.86
N VAL D 118 4.21 11.03 -3.28
CA VAL D 118 4.93 10.06 -4.11
C VAL D 118 4.07 8.87 -4.48
N VAL D 119 4.00 8.59 -5.79
CA VAL D 119 3.23 7.46 -6.29
C VAL D 119 4.17 6.57 -7.09
N THR D 120 4.23 5.30 -6.68
CA THR D 120 5.18 4.37 -7.28
C THR D 120 4.44 3.15 -7.73
N VAL D 121 4.48 2.87 -9.03
CA VAL D 121 3.84 1.67 -9.56
C VAL D 121 4.91 0.61 -9.81
N SER D 122 4.85 -0.53 -9.11
CA SER D 122 5.80 -1.62 -9.37
C SER D 122 5.40 -2.37 -10.64
N PRO D 123 6.40 -2.86 -11.39
CA PRO D 123 6.17 -3.57 -12.65
C PRO D 123 5.37 -4.86 -12.44
N ALA D 124 5.57 -5.49 -11.29
CA ALA D 124 4.92 -6.74 -10.95
C ALA D 124 3.45 -6.55 -10.54
N SER D 125 2.55 -7.13 -11.32
CA SER D 125 1.12 -7.12 -11.00
C SER D 125 0.80 -8.32 -10.13
N THR D 126 1.74 -9.26 -10.08
CA THR D 126 1.50 -10.58 -9.47
C THR D 126 2.76 -11.07 -8.77
N LYS D 127 2.61 -11.93 -7.76
CA LYS D 127 3.76 -12.61 -7.14
C LYS D 127 3.44 -14.03 -6.69
N GLY D 128 4.34 -14.97 -6.99
CA GLY D 128 4.08 -16.39 -6.74
C GLY D 128 4.42 -16.81 -5.32
N PRO D 129 3.67 -17.80 -4.80
CA PRO D 129 3.84 -18.23 -3.40
C PRO D 129 5.12 -19.02 -3.16
N SER D 130 5.65 -18.94 -1.95
CA SER D 130 6.56 -19.97 -1.46
C SER D 130 5.68 -21.00 -0.79
N VAL D 131 6.03 -22.27 -0.89
CA VAL D 131 5.22 -23.31 -0.28
C VAL D 131 6.11 -24.11 0.64
N PHE D 132 5.69 -24.23 1.91
CA PHE D 132 6.46 -24.92 2.92
C PHE D 132 5.63 -26.06 3.48
N PRO D 133 6.27 -27.20 3.77
CA PRO D 133 5.48 -28.31 4.31
C PRO D 133 5.11 -28.07 5.77
N LEU D 134 3.93 -28.56 6.17
CA LEU D 134 3.56 -28.68 7.57
C LEU D 134 3.67 -30.18 7.81
N ALA D 135 4.88 -30.63 8.12
CA ALA D 135 5.20 -32.04 8.16
C ALA D 135 4.46 -32.72 9.29
N PRO D 136 3.97 -33.93 9.04
CA PRO D 136 3.37 -34.69 10.15
C PRO D 136 4.48 -35.03 11.14
N SER D 137 4.19 -34.95 12.43
CA SER D 137 5.11 -35.40 13.45
C SER D 137 4.31 -35.84 14.68
N SER D 138 5.02 -36.16 15.76
CA SER D 138 4.36 -36.64 16.98
C SER D 138 3.42 -35.56 17.54
N LYS D 139 3.69 -34.30 17.17
CA LYS D 139 2.91 -33.15 17.65
C LYS D 139 1.64 -32.89 16.84
N SER D 140 1.51 -33.60 15.71
CA SER D 140 0.31 -33.51 14.88
C SER D 140 -0.25 -34.90 14.58
N THR D 141 0.10 -35.86 15.45
CA THR D 141 -0.40 -37.22 15.36
C THR D 141 -1.03 -37.61 16.69
N SER D 142 -2.21 -38.20 16.63
CA SER D 142 -2.87 -38.70 17.84
C SER D 142 -3.75 -39.88 17.48
N GLY D 143 -3.54 -41.02 18.13
CA GLY D 143 -4.35 -42.18 17.85
C GLY D 143 -4.31 -42.53 16.38
N GLY D 144 -5.48 -42.77 15.80
CA GLY D 144 -5.53 -43.26 14.43
C GLY D 144 -5.28 -42.22 13.36
N THR D 145 -5.06 -40.97 13.76
CA THR D 145 -5.00 -39.88 12.79
C THR D 145 -3.73 -39.01 12.88
N ALA D 146 -3.29 -38.52 11.73
CA ALA D 146 -2.17 -37.59 11.64
C ALA D 146 -2.62 -36.42 10.78
N ALA D 147 -2.20 -35.22 11.12
CA ALA D 147 -2.48 -34.05 10.26
C ALA D 147 -1.19 -33.57 9.59
N LEU D 148 -1.29 -33.18 8.33
CA LEU D 148 -0.15 -32.59 7.63
C LEU D 148 -0.70 -31.56 6.67
N GLY D 149 0.17 -30.78 6.07
CA GLY D 149 -0.31 -29.73 5.21
C GLY D 149 0.77 -28.95 4.50
N CYS D 150 0.36 -27.83 3.92
CA CYS D 150 1.30 -26.94 3.25
C CYS D 150 0.93 -25.52 3.66
N LEU D 151 1.96 -24.71 3.86
CA LEU D 151 1.79 -23.29 4.13
C LEU D 151 2.15 -22.58 2.84
N VAL D 152 1.18 -21.85 2.28
CA VAL D 152 1.37 -21.19 1.00
C VAL D 152 1.46 -19.70 1.29
N LYS D 153 2.67 -19.16 1.18
CA LYS D 153 3.01 -17.88 1.79
C LYS D 153 3.53 -16.83 0.80
N ASP D 154 3.17 -15.57 1.05
CA ASP D 154 3.78 -14.43 0.36
C ASP D 154 3.48 -14.40 -1.13
N TYR D 155 2.20 -14.51 -1.47
CA TYR D 155 1.76 -14.41 -2.87
C TYR D 155 0.81 -13.24 -3.07
N PHE D 156 0.59 -12.89 -4.32
CA PHE D 156 -0.30 -11.79 -4.65
C PHE D 156 -0.62 -11.82 -6.13
N PRO D 157 -1.92 -11.66 -6.47
CA PRO D 157 -3.08 -11.51 -5.59
C PRO D 157 -3.83 -12.82 -5.42
N GLU D 158 -4.98 -12.79 -4.74
CA GLU D 158 -5.84 -13.97 -4.65
C GLU D 158 -6.38 -14.29 -6.04
N PRO D 159 -6.70 -15.57 -6.30
CA PRO D 159 -6.62 -16.68 -5.34
C PRO D 159 -5.54 -17.69 -5.69
N VAL D 160 -5.41 -18.69 -4.82
CA VAL D 160 -4.62 -19.87 -5.13
C VAL D 160 -5.51 -21.06 -4.85
N THR D 161 -5.36 -22.12 -5.64
CA THR D 161 -6.13 -23.34 -5.40
C THR D 161 -5.17 -24.38 -4.85
N VAL D 162 -5.67 -25.26 -4.00
CA VAL D 162 -4.80 -26.30 -3.46
C VAL D 162 -5.47 -27.65 -3.64
N SER D 163 -4.74 -28.59 -4.23
CA SER D 163 -5.24 -29.97 -4.34
C SER D 163 -4.21 -30.90 -3.72
N TRP D 164 -4.67 -32.08 -3.28
CA TRP D 164 -3.78 -33.05 -2.68
C TRP D 164 -3.70 -34.29 -3.55
N ASN D 165 -2.48 -34.75 -3.82
CA ASN D 165 -2.27 -35.89 -4.71
C ASN D 165 -3.12 -35.76 -5.97
N SER D 166 -3.03 -34.59 -6.60
CA SER D 166 -3.70 -34.29 -7.87
C SER D 166 -5.20 -34.53 -7.86
N GLY D 167 -5.82 -34.43 -6.69
CA GLY D 167 -7.25 -34.58 -6.60
C GLY D 167 -7.71 -35.92 -6.05
N ALA D 168 -6.77 -36.86 -5.93
CA ALA D 168 -7.10 -38.19 -5.42
C ALA D 168 -7.51 -38.12 -3.95
N LEU D 169 -6.92 -37.16 -3.23
CA LEU D 169 -7.20 -36.99 -1.80
C LEU D 169 -8.08 -35.77 -1.57
N THR D 170 -9.34 -36.01 -1.24
CA THR D 170 -10.29 -34.92 -1.07
C THR D 170 -10.92 -34.99 0.32
N SER D 171 -11.16 -36.22 0.77
CA SER D 171 -11.76 -36.40 2.09
C SER D 171 -10.84 -35.84 3.17
N GLY D 172 -11.38 -35.02 4.06
CA GLY D 172 -10.63 -34.53 5.19
C GLY D 172 -9.78 -33.29 4.93
N VAL D 173 -9.82 -32.77 3.71
CA VAL D 173 -8.99 -31.64 3.35
C VAL D 173 -9.66 -30.34 3.77
N HIS D 174 -8.86 -29.41 4.29
CA HIS D 174 -9.34 -28.08 4.64
C HIS D 174 -8.35 -27.07 4.10
N THR D 175 -8.82 -26.19 3.22
CA THR D 175 -7.96 -25.13 2.71
C THR D 175 -8.56 -23.85 3.25
N PHE D 176 -7.79 -23.16 4.09
CA PHE D 176 -8.32 -22.04 4.84
C PHE D 176 -8.36 -20.78 4.02
N PRO D 177 -9.27 -19.87 4.38
CA PRO D 177 -9.34 -18.53 3.78
C PRO D 177 -7.95 -17.94 3.85
N ALA D 178 -7.50 -17.27 2.80
CA ALA D 178 -6.18 -16.65 2.86
C ALA D 178 -6.26 -15.48 3.84
N VAL D 179 -5.11 -15.06 4.36
CA VAL D 179 -5.05 -13.91 5.25
C VAL D 179 -4.02 -12.91 4.71
N LEU D 180 -4.25 -11.62 4.92
CA LEU D 180 -3.35 -10.61 4.37
C LEU D 180 -2.37 -10.13 5.45
N GLN D 181 -1.08 -10.23 5.17
CA GLN D 181 -0.05 -9.84 6.13
C GLN D 181 0.29 -8.35 6.03
N SER D 182 0.92 -7.81 7.07
CA SER D 182 1.34 -6.41 7.08
C SER D 182 2.33 -6.08 5.94
N SER D 183 2.87 -7.12 5.33
CA SER D 183 3.78 -6.96 4.19
C SER D 183 3.00 -6.71 2.91
N GLY D 184 1.69 -6.91 2.94
CA GLY D 184 0.89 -6.74 1.75
C GLY D 184 0.78 -7.99 0.88
N LEU D 185 1.27 -9.11 1.41
CA LEU D 185 1.20 -10.39 0.70
C LEU D 185 0.31 -11.33 1.48
N TYR D 186 -0.34 -12.26 0.76
CA TYR D 186 -1.27 -13.20 1.40
C TYR D 186 -0.54 -14.45 1.83
N SER D 187 -1.20 -15.21 2.70
CA SER D 187 -0.70 -16.53 3.02
C SER D 187 -1.89 -17.37 3.48
N LEU D 188 -1.80 -18.67 3.28
CA LEU D 188 -2.86 -19.56 3.71
C LEU D 188 -2.25 -20.90 3.94
N SER D 189 -3.03 -21.79 4.51
CA SER D 189 -2.59 -23.15 4.75
C SER D 189 -3.62 -24.09 4.19
N SER D 190 -3.16 -25.25 3.73
CA SER D 190 -4.08 -26.31 3.39
C SER D 190 -3.63 -27.49 4.21
N VAL D 191 -4.58 -28.14 4.89
CA VAL D 191 -4.23 -29.28 5.73
C VAL D 191 -5.12 -30.46 5.40
N VAL D 192 -4.66 -31.65 5.77
CA VAL D 192 -5.49 -32.82 5.57
C VAL D 192 -5.16 -33.78 6.71
N THR D 193 -6.19 -34.44 7.25
CA THR D 193 -5.96 -35.50 8.21
C THR D 193 -6.00 -36.84 7.49
N VAL D 194 -5.06 -37.70 7.82
CA VAL D 194 -4.90 -38.98 7.14
C VAL D 194 -4.60 -40.02 8.21
N PRO D 195 -4.71 -41.32 7.86
CA PRO D 195 -4.37 -42.34 8.87
C PRO D 195 -2.90 -42.30 9.26
N SER D 196 -2.62 -42.30 10.56
CA SER D 196 -1.23 -42.33 11.01
C SER D 196 -0.47 -43.52 10.40
N SER D 197 -1.20 -44.62 10.17
CA SER D 197 -0.59 -45.84 9.63
C SER D 197 -0.06 -45.66 8.19
N SER D 198 -0.43 -44.57 7.53
CA SER D 198 -0.08 -44.40 6.12
C SER D 198 1.19 -43.59 5.84
N LEU D 199 1.64 -42.79 6.80
CA LEU D 199 2.91 -42.08 6.65
C LEU D 199 4.01 -43.12 6.47
N GLY D 200 4.92 -42.92 5.52
CA GLY D 200 5.95 -43.94 5.27
C GLY D 200 5.54 -44.94 4.19
N THR D 201 4.22 -45.12 4.00
CA THR D 201 3.69 -45.93 2.91
C THR D 201 3.07 -45.07 1.80
N GLN D 202 2.24 -44.10 2.20
CA GLN D 202 1.57 -43.22 1.24
C GLN D 202 2.34 -41.92 1.07
N THR D 203 2.59 -41.53 -0.18
CA THR D 203 3.21 -40.22 -0.45
C THR D 203 2.12 -39.15 -0.44
N TYR D 204 2.46 -37.99 0.10
CA TYR D 204 1.51 -36.88 0.14
C TYR D 204 2.14 -35.64 -0.46
N ILE D 205 1.45 -35.10 -1.46
CA ILE D 205 1.95 -33.94 -2.20
C ILE D 205 0.85 -32.91 -2.36
N CYS D 206 1.13 -31.67 -1.98
CA CYS D 206 0.14 -30.62 -2.22
C CYS D 206 0.43 -29.95 -3.56
N ASN D 207 -0.63 -29.78 -4.34
CA ASN D 207 -0.57 -29.18 -5.66
C ASN D 207 -1.11 -27.77 -5.54
N VAL D 208 -0.23 -26.80 -5.71
CA VAL D 208 -0.61 -25.40 -5.56
C VAL D 208 -0.64 -24.72 -6.93
N ASN D 209 -1.77 -24.07 -7.21
CA ASN D 209 -1.97 -23.36 -8.46
C ASN D 209 -2.24 -21.90 -8.15
N HIS D 210 -1.30 -21.03 -8.49
CA HIS D 210 -1.56 -19.59 -8.46
C HIS D 210 -1.83 -19.09 -9.89
N LYS D 211 -3.09 -19.18 -10.32
CA LYS D 211 -3.46 -18.87 -11.70
C LYS D 211 -3.02 -17.48 -12.15
N PRO D 212 -3.30 -16.45 -11.31
CA PRO D 212 -2.89 -15.07 -11.58
C PRO D 212 -1.42 -14.91 -11.97
N SER D 213 -0.53 -15.75 -11.44
CA SER D 213 0.85 -15.76 -11.90
C SER D 213 1.11 -16.98 -12.78
N ASN D 214 0.05 -17.72 -13.08
CA ASN D 214 0.16 -19.00 -13.78
C ASN D 214 1.32 -19.82 -13.22
N THR D 215 1.35 -19.96 -11.91
CA THR D 215 2.42 -20.70 -11.24
C THR D 215 1.86 -21.95 -10.58
N LYS D 216 2.62 -23.02 -10.71
CA LYS D 216 2.23 -24.27 -10.08
C LYS D 216 3.41 -24.85 -9.34
N VAL D 217 3.13 -25.39 -8.17
CA VAL D 217 4.15 -25.96 -7.33
C VAL D 217 3.62 -27.25 -6.77
N ASP D 218 4.47 -28.28 -6.80
CA ASP D 218 4.14 -29.56 -6.21
C ASP D 218 5.11 -29.79 -5.06
N LYS D 219 4.57 -30.00 -3.87
CA LYS D 219 5.39 -30.09 -2.67
C LYS D 219 5.16 -31.41 -1.95
N LYS D 220 6.20 -32.21 -1.84
CA LYS D 220 6.06 -33.46 -1.10
C LYS D 220 6.22 -33.19 0.39
N VAL D 221 5.20 -33.57 1.17
CA VAL D 221 5.20 -33.35 2.61
C VAL D 221 5.48 -34.67 3.35
N GLU D 222 6.63 -34.73 3.97
CA GLU D 222 7.03 -35.92 4.65
C GLU D 222 7.40 -35.76 6.10
N PRO D 223 7.23 -36.94 6.85
CA PRO D 223 7.64 -36.83 8.26
C PRO D 223 8.96 -36.21 8.56
N LYS D 224 9.01 -35.52 9.67
CA LYS D 224 10.25 -35.00 10.28
C LYS D 224 10.86 -33.80 9.59
#